data_2FAF
#
_entry.id   2FAF
#
_cell.length_a   110.807
_cell.length_b   47.737
_cell.length_c   127.205
_cell.angle_alpha   90.00
_cell.angle_beta   111.31
_cell.angle_gamma   90.00
#
_symmetry.space_group_name_H-M   'P 1 21 1'
#
loop_
_entity.id
_entity.type
_entity.pdbx_description
1 polymer 'Phosphoenolpyruvate carboxykinase'
2 branched beta-D-fructofuranose-(2-1)-6-O-octanoyl-alpha-D-glucopyranose
3 non-polymer '4-(2-HYDROXYETHYL)-1-PIPERAZINE ETHANESULFONIC ACID'
4 non-polymer 'PENTAETHYLENE GLYCOL'
5 non-polymer 'MANGANESE (II) ION'
6 water water
#
_entity_poly.entity_id   1
_entity_poly.type   'polypeptide(L)'
_entity_poly.pdbx_seq_one_letter_code
;LSTSLSALPAAARDFVEEAVRLCRPREVLLCDGSEEEGKELLRGLQDDGVLHPLPKYDNCWLARTDPRDVARVESKTVLV
TPEQSDAVPPPPPSGGPPQLGNWMSPNAFQAAVQERFPGCMAGRPLYVIPFSMGPPTSPLAKLGVQVTDSPYVVLSMRIM
TRVGPAVLQRLDDDFVRCLHSVGRPLPLTEPLVSSWPCDPSRVLVAHIPSERRIVSFGSGYGGNSLLGKKCFALRIASRM
AQQQGWLAEHMLILGVTSPSGEKRYMAAAFPSACGKTNLAMMTPSLPGWRIHCVGDDIAWMKFDDEGRLRAINPERGFFG
VAPGTSSRTNPNAMATIARNTIFTNVGLRSDGGVYWDGLDEPTEPGVTYTSWLGKPWKHGDPEPCAHPNSRFCAPADQCP
IMDPRWDDPEGVPIDAIIFGGRRPRGVPLVVEAFGWRHGVFMGSAMRSEATAAAEHKGGRLMHDPFAMRPFFGYNAGRYL
EHWLSTGLRSNARLPRLFHVNWFLRDNEGRFVWPGFGHNARVLAWIFGRIQGRDTARPTPIGWVPKEGDLDLGGLPGVDY
SQLFPMEKGFWEEECRQLREYYGENFGADLPRDVMAELEGLEERVRKM
;
_entity_poly.pdbx_strand_id   A,B
#
loop_
_chem_comp.id
_chem_comp.type
_chem_comp.name
_chem_comp.formula
1PE non-polymer 'PENTAETHYLENE GLYCOL' 'C10 H22 O6'
EPE non-polymer '4-(2-HYDROXYETHYL)-1-PIPERAZINE ETHANESULFONIC ACID' 'C8 H18 N2 O4 S'
FRU D-saccharide, beta linking beta-D-fructofuranose 'C6 H12 O6'
MN non-polymer 'MANGANESE (II) ION' 'Mn 2'
TQY D-saccharide, alpha linking 6-O-octanoyl-alpha-D-glucopyranose 'C14 H26 O7'
#
# COMPACT_ATOMS: atom_id res chain seq x y z
N LEU A 1 -56.47 12.57 -6.27
CA LEU A 1 -57.02 11.94 -5.04
C LEU A 1 -58.28 11.19 -5.39
N SER A 2 -58.34 9.93 -4.97
CA SER A 2 -59.51 9.09 -5.19
C SER A 2 -59.71 8.12 -4.04
N THR A 3 -60.97 7.81 -3.74
CA THR A 3 -61.24 6.77 -2.75
C THR A 3 -61.14 5.37 -3.34
N SER A 4 -60.98 5.25 -4.67
CA SER A 4 -60.85 3.93 -5.28
CA SER A 4 -60.85 3.94 -5.31
C SER A 4 -59.42 3.40 -5.16
N LEU A 5 -59.27 2.26 -4.50
CA LEU A 5 -57.94 1.66 -4.27
C LEU A 5 -57.65 0.46 -5.17
N SER A 6 -58.55 0.17 -6.12
CA SER A 6 -58.44 -1.05 -6.94
CA SER A 6 -58.42 -1.06 -6.91
C SER A 6 -57.13 -1.17 -7.73
N ALA A 7 -56.54 -0.03 -8.09
CA ALA A 7 -55.30 -0.02 -8.88
C ALA A 7 -54.05 -0.46 -8.09
N LEU A 8 -54.15 -0.48 -6.76
CA LEU A 8 -53.04 -0.96 -5.94
C LEU A 8 -52.88 -2.48 -6.04
N PRO A 9 -51.65 -2.94 -6.28
CA PRO A 9 -51.37 -4.38 -6.27
C PRO A 9 -51.52 -4.95 -4.86
N ALA A 10 -51.65 -6.27 -4.75
CA ALA A 10 -52.09 -6.88 -3.49
C ALA A 10 -51.25 -6.52 -2.26
N ALA A 11 -49.93 -6.55 -2.39
CA ALA A 11 -49.08 -6.30 -1.21
C ALA A 11 -49.20 -4.84 -0.75
N ALA A 12 -49.25 -3.91 -1.71
CA ALA A 12 -49.45 -2.49 -1.36
C ALA A 12 -50.84 -2.29 -0.70
N ARG A 13 -51.86 -2.95 -1.25
CA ARG A 13 -53.20 -2.86 -0.68
C ARG A 13 -53.23 -3.40 0.77
N ASP A 14 -52.51 -4.49 1.01
CA ASP A 14 -52.45 -5.11 2.34
C ASP A 14 -51.83 -4.12 3.32
N PHE A 15 -50.72 -3.51 2.91
CA PHE A 15 -50.04 -2.52 3.74
C PHE A 15 -50.98 -1.35 4.09
N VAL A 16 -51.67 -0.81 3.10
CA VAL A 16 -52.59 0.30 3.32
C VAL A 16 -53.69 -0.11 4.31
N GLU A 17 -54.29 -1.28 4.10
CA GLU A 17 -55.39 -1.70 4.96
C GLU A 17 -54.91 -1.99 6.39
N GLU A 18 -53.67 -2.45 6.51
CA GLU A 18 -53.06 -2.64 7.84
C GLU A 18 -52.98 -1.30 8.59
N ALA A 19 -52.47 -0.30 7.89
CA ALA A 19 -52.35 1.05 8.44
C ALA A 19 -53.72 1.66 8.78
N VAL A 20 -54.72 1.37 7.96
CA VAL A 20 -56.08 1.89 8.19
C VAL A 20 -56.66 1.30 9.47
N ARG A 21 -56.52 -0.02 9.64
CA ARG A 21 -57.04 -0.67 10.85
CA ARG A 21 -57.01 -0.71 10.86
C ARG A 21 -56.33 -0.14 12.09
N LEU A 22 -55.04 0.15 11.95
CA LEU A 22 -54.26 0.64 13.09
C LEU A 22 -54.62 2.09 13.44
N CYS A 23 -54.56 2.96 12.44
CA CYS A 23 -54.62 4.41 12.63
C CYS A 23 -56.04 4.97 12.69
N ARG A 24 -57.00 4.23 12.14
CA ARG A 24 -58.43 4.61 12.15
C ARG A 24 -58.71 6.00 11.53
N PRO A 25 -58.23 6.23 10.29
CA PRO A 25 -58.54 7.49 9.60
C PRO A 25 -60.04 7.58 9.19
N ARG A 26 -60.50 8.79 8.88
CA ARG A 26 -61.89 9.05 8.52
C ARG A 26 -62.19 8.59 7.08
N GLU A 27 -61.17 8.64 6.22
CA GLU A 27 -61.29 8.21 4.83
C GLU A 27 -59.91 7.87 4.30
N VAL A 28 -59.87 7.23 3.14
CA VAL A 28 -58.61 6.79 2.56
C VAL A 28 -58.52 7.29 1.13
N LEU A 29 -57.44 7.99 0.79
CA LEU A 29 -57.33 8.59 -0.53
C LEU A 29 -56.03 8.17 -1.22
N LEU A 30 -56.16 7.60 -2.41
CA LEU A 30 -55.01 7.30 -3.24
C LEU A 30 -54.54 8.51 -4.05
N CYS A 31 -53.24 8.81 -3.97
CA CYS A 31 -52.66 9.95 -4.69
C CYS A 31 -52.25 9.56 -6.09
N ASP A 32 -52.52 10.43 -7.07
CA ASP A 32 -52.18 10.16 -8.47
C ASP A 32 -51.07 11.04 -9.07
N GLY A 33 -50.58 12.02 -8.32
CA GLY A 33 -49.48 12.88 -8.76
C GLY A 33 -49.85 13.97 -9.76
N SER A 34 -51.14 14.11 -10.08
CA SER A 34 -51.60 15.04 -11.13
C SER A 34 -51.56 16.51 -10.77
N GLU A 35 -51.62 17.38 -11.79
CA GLU A 35 -51.68 18.82 -11.51
C GLU A 35 -52.96 19.17 -10.74
N GLU A 36 -54.10 18.58 -11.12
CA GLU A 36 -55.40 18.84 -10.43
CA GLU A 36 -55.36 18.87 -10.43
C GLU A 36 -55.35 18.40 -8.97
N GLU A 37 -54.71 17.26 -8.70
CA GLU A 37 -54.55 16.83 -7.32
C GLU A 37 -53.72 17.86 -6.53
N GLY A 38 -52.65 18.38 -7.14
CA GLY A 38 -51.82 19.40 -6.47
C GLY A 38 -52.67 20.61 -6.10
N LYS A 39 -53.53 21.05 -7.04
CA LYS A 39 -54.40 22.21 -6.76
C LYS A 39 -55.36 21.93 -5.60
N GLU A 40 -55.92 20.72 -5.57
CA GLU A 40 -56.80 20.30 -4.49
C GLU A 40 -56.11 20.28 -3.14
N LEU A 41 -54.88 19.76 -3.14
CA LEU A 41 -54.08 19.73 -1.90
C LEU A 41 -53.82 21.15 -1.42
N LEU A 42 -53.44 22.03 -2.34
CA LEU A 42 -53.15 23.43 -2.01
C LEU A 42 -54.38 24.13 -1.44
N ARG A 43 -55.53 23.92 -2.09
CA ARG A 43 -56.80 24.48 -1.61
C ARG A 43 -57.10 24.08 -0.16
N GLY A 44 -56.95 22.80 0.14
CA GLY A 44 -57.22 22.28 1.49
C GLY A 44 -56.24 22.85 2.51
N LEU A 45 -54.98 22.89 2.13
CA LEU A 45 -53.94 23.45 3.00
C LEU A 45 -54.11 24.94 3.30
N GLN A 46 -54.56 25.71 2.32
CA GLN A 46 -54.85 27.13 2.54
C GLN A 46 -56.07 27.26 3.47
N ASP A 47 -57.12 26.48 3.18
CA ASP A 47 -58.32 26.47 4.02
C ASP A 47 -58.01 26.05 5.47
N ASP A 48 -57.05 25.13 5.64
CA ASP A 48 -56.59 24.60 6.96
C ASP A 48 -55.78 25.68 7.71
N GLY A 49 -55.31 26.69 6.99
CA GLY A 49 -54.41 27.71 7.58
C GLY A 49 -52.94 27.33 7.60
N VAL A 50 -52.62 26.20 7.01
CA VAL A 50 -51.23 25.74 6.94
C VAL A 50 -50.41 26.56 5.96
N LEU A 51 -50.93 26.77 4.75
CA LEU A 51 -50.21 27.49 3.71
C LEU A 51 -50.74 28.90 3.54
N HIS A 52 -49.78 29.82 3.41
CA HIS A 52 -50.04 31.19 3.03
C HIS A 52 -49.65 31.30 1.55
N PRO A 53 -50.53 31.89 0.71
CA PRO A 53 -50.04 32.10 -0.66
C PRO A 53 -48.92 33.16 -0.66
N LEU A 54 -48.06 33.12 -1.67
CA LEU A 54 -47.03 34.13 -1.85
C LEU A 54 -47.31 34.82 -3.20
N PRO A 55 -48.21 35.80 -3.19
CA PRO A 55 -48.65 36.33 -4.47
C PRO A 55 -47.59 37.13 -5.25
N LYS A 56 -46.43 37.40 -4.66
CA LYS A 56 -45.32 38.00 -5.45
C LYS A 56 -44.88 37.04 -6.59
N TYR A 57 -45.12 35.75 -6.43
CA TYR A 57 -44.49 34.74 -7.30
C TYR A 57 -45.55 33.94 -8.04
N ASP A 58 -45.08 33.10 -8.97
CA ASP A 58 -45.92 32.17 -9.70
C ASP A 58 -46.05 30.85 -8.90
N ASN A 59 -47.21 30.68 -8.24
CA ASN A 59 -47.58 29.44 -7.59
C ASN A 59 -46.59 28.98 -6.51
N CYS A 60 -46.23 29.92 -5.62
CA CYS A 60 -45.39 29.59 -4.43
C CYS A 60 -46.19 29.76 -3.16
N TRP A 61 -45.81 29.02 -2.11
CA TRP A 61 -46.61 28.93 -0.89
C TRP A 61 -45.69 28.87 0.30
N LEU A 62 -46.18 29.28 1.45
CA LEU A 62 -45.38 29.29 2.69
C LEU A 62 -46.09 28.51 3.79
N ALA A 63 -45.38 27.57 4.42
CA ALA A 63 -45.83 26.90 5.62
C ALA A 63 -44.98 27.36 6.78
N ARG A 64 -45.58 27.43 7.97
CA ARG A 64 -44.84 27.63 9.22
C ARG A 64 -45.08 26.42 10.12
N THR A 65 -44.09 26.08 10.95
CA THR A 65 -44.24 24.93 11.83
C THR A 65 -44.27 25.31 13.31
N ASP A 66 -44.79 24.41 14.13
CA ASP A 66 -44.61 24.55 15.59
C ASP A 66 -43.09 24.64 15.86
N PRO A 67 -42.63 25.59 16.70
CA PRO A 67 -41.19 25.70 17.02
C PRO A 67 -40.57 24.41 17.61
N ARG A 68 -41.38 23.49 18.09
CA ARG A 68 -40.88 22.23 18.62
C ARG A 68 -40.63 21.19 17.51
N ASP A 69 -41.03 21.52 16.29
CA ASP A 69 -40.91 20.61 15.17
C ASP A 69 -40.28 21.32 13.98
N VAL A 70 -38.94 21.50 14.04
CA VAL A 70 -38.26 22.30 13.03
C VAL A 70 -37.10 21.64 12.30
N ALA A 71 -36.79 20.40 12.62
CA ALA A 71 -35.59 19.71 12.12
C ALA A 71 -35.68 18.22 12.38
N ARG A 72 -34.83 17.44 11.73
CA ARG A 72 -34.59 16.05 12.16
C ARG A 72 -34.27 15.98 13.64
N VAL A 73 -34.75 14.94 14.31
CA VAL A 73 -34.48 14.73 15.72
C VAL A 73 -33.62 13.49 15.78
N GLU A 74 -32.30 13.68 15.83
CA GLU A 74 -31.39 12.53 15.77
CA GLU A 74 -31.39 12.54 15.78
C GLU A 74 -31.61 11.56 16.94
N SER A 75 -31.85 12.10 18.13
CA SER A 75 -31.97 11.24 19.31
C SER A 75 -33.21 10.37 19.32
N LYS A 76 -34.17 10.69 18.44
CA LYS A 76 -35.39 9.90 18.32
C LYS A 76 -35.44 9.11 17.00
N THR A 77 -34.30 9.05 16.29
CA THR A 77 -34.20 8.32 15.03
C THR A 77 -33.41 7.05 15.31
N VAL A 78 -33.97 5.90 14.93
CA VAL A 78 -33.43 4.60 15.34
C VAL A 78 -33.43 3.56 14.23
N LEU A 79 -32.50 2.61 14.37
CA LEU A 79 -32.42 1.40 13.56
C LEU A 79 -32.93 0.23 14.39
N VAL A 80 -33.90 -0.51 13.85
CA VAL A 80 -34.51 -1.66 14.50
C VAL A 80 -34.05 -2.95 13.83
N THR A 81 -33.26 -3.72 14.58
CA THR A 81 -32.69 -4.99 14.11
C THR A 81 -32.67 -5.96 15.30
N PRO A 82 -32.88 -7.26 15.05
CA PRO A 82 -32.81 -8.26 16.12
C PRO A 82 -31.52 -8.18 16.92
N GLU A 83 -30.39 -8.03 16.24
CA GLU A 83 -29.07 -7.93 16.91
C GLU A 83 -28.55 -6.50 16.88
N GLN A 84 -28.23 -5.92 18.04
CA GLN A 84 -27.72 -4.55 18.07
CA GLN A 84 -27.69 -4.55 18.11
C GLN A 84 -26.49 -4.35 17.18
N SER A 85 -25.61 -5.34 17.13
CA SER A 85 -24.38 -5.21 16.34
C SER A 85 -24.58 -5.13 14.82
N ASP A 86 -25.74 -5.59 14.34
CA ASP A 86 -26.08 -5.39 12.93
C ASP A 86 -26.30 -3.89 12.59
N ALA A 87 -26.61 -3.10 13.61
CA ALA A 87 -26.99 -1.69 13.40
C ALA A 87 -25.87 -0.72 13.70
N VAL A 88 -25.13 -1.00 14.78
CA VAL A 88 -24.13 -0.06 15.29
C VAL A 88 -22.93 -0.83 15.92
N PRO A 89 -21.74 -0.16 15.98
CA PRO A 89 -20.60 -0.76 16.71
C PRO A 89 -20.83 -0.71 18.21
N PRO A 90 -19.89 -1.26 19.00
CA PRO A 90 -20.06 -1.25 20.45
C PRO A 90 -20.12 0.19 20.98
N PRO A 91 -20.84 0.41 22.10
CA PRO A 91 -20.92 1.80 22.58
C PRO A 91 -19.50 2.28 22.97
N PRO A 92 -19.22 3.58 22.82
CA PRO A 92 -17.85 4.03 23.16
C PRO A 92 -17.45 3.53 24.56
N PRO A 93 -16.34 2.79 24.65
CA PRO A 93 -15.98 2.14 25.93
C PRO A 93 -15.64 3.10 27.07
N SER A 94 -15.28 4.34 26.73
CA SER A 94 -15.00 5.34 27.74
C SER A 94 -16.25 6.10 28.19
N GLY A 95 -17.40 5.80 27.58
CA GLY A 95 -18.70 6.31 28.04
C GLY A 95 -19.28 7.47 27.27
N GLY A 96 -18.58 7.90 26.21
CA GLY A 96 -19.05 8.97 25.35
C GLY A 96 -20.32 8.57 24.62
N PRO A 97 -21.07 9.56 24.10
CA PRO A 97 -22.37 9.25 23.50
C PRO A 97 -22.20 8.57 22.15
N PRO A 98 -23.11 7.65 21.78
CA PRO A 98 -22.94 7.03 20.46
C PRO A 98 -23.13 8.05 19.38
N GLN A 99 -22.32 7.95 18.33
CA GLN A 99 -22.45 8.92 17.27
C GLN A 99 -22.73 8.35 15.91
N LEU A 100 -22.84 7.03 15.80
CA LEU A 100 -22.94 6.37 14.48
C LEU A 100 -24.29 5.71 14.26
N GLY A 101 -25.26 6.07 15.09
CA GLY A 101 -26.64 5.58 14.93
C GLY A 101 -27.19 5.15 16.27
N ASN A 102 -28.52 5.05 16.35
CA ASN A 102 -29.19 4.61 17.57
C ASN A 102 -29.91 3.33 17.27
N TRP A 103 -29.81 2.38 18.19
CA TRP A 103 -30.47 1.08 17.99
C TRP A 103 -31.66 0.93 18.93
N MET A 104 -32.69 0.26 18.45
CA MET A 104 -33.85 -0.07 19.24
C MET A 104 -34.21 -1.51 18.96
N SER A 105 -34.48 -2.30 20.01
CA SER A 105 -34.86 -3.67 19.81
C SER A 105 -36.22 -3.77 19.18
N PRO A 106 -36.47 -4.85 18.43
CA PRO A 106 -37.80 -5.11 17.93
C PRO A 106 -38.87 -5.06 19.03
N ASN A 107 -38.58 -5.65 20.20
CA ASN A 107 -39.51 -5.65 21.35
C ASN A 107 -39.88 -4.22 21.74
N ALA A 108 -38.86 -3.39 21.93
CA ALA A 108 -39.03 -2.02 22.40
C ALA A 108 -39.75 -1.22 21.35
N PHE A 109 -39.36 -1.44 20.08
CA PHE A 109 -39.99 -0.74 18.94
C PHE A 109 -41.50 -1.04 18.86
N GLN A 110 -41.86 -2.32 18.97
CA GLN A 110 -43.26 -2.65 18.86
C GLN A 110 -44.09 -2.01 19.98
N ALA A 111 -43.53 -1.99 21.18
CA ALA A 111 -44.23 -1.39 22.31
C ALA A 111 -44.41 0.12 22.09
N ALA A 112 -43.36 0.77 21.59
CA ALA A 112 -43.43 2.19 21.22
C ALA A 112 -44.52 2.50 20.17
N VAL A 113 -44.62 1.64 19.16
CA VAL A 113 -45.66 1.77 18.13
C VAL A 113 -47.06 1.64 18.75
N GLN A 114 -47.24 0.65 19.63
CA GLN A 114 -48.56 0.43 20.23
C GLN A 114 -49.02 1.56 21.16
N GLU A 115 -48.07 2.33 21.70
CA GLU A 115 -48.40 3.51 22.50
C GLU A 115 -48.84 4.70 21.65
N ARG A 116 -48.40 4.72 20.39
CA ARG A 116 -48.51 5.94 19.55
C ARG A 116 -49.54 5.87 18.43
N PHE A 117 -49.50 4.81 17.65
CA PHE A 117 -50.27 4.75 16.41
C PHE A 117 -51.77 4.40 16.54
N PRO A 118 -52.15 3.56 17.52
CA PRO A 118 -53.59 3.20 17.54
C PRO A 118 -54.48 4.44 17.62
N GLY A 119 -55.32 4.58 16.61
CA GLY A 119 -56.26 5.70 16.53
C GLY A 119 -55.66 7.05 16.19
N CYS A 120 -54.38 7.09 15.80
CA CYS A 120 -53.67 8.40 15.67
C CYS A 120 -54.23 9.28 14.53
N MET A 121 -54.94 8.68 13.58
CA MET A 121 -55.47 9.44 12.45
C MET A 121 -56.97 9.69 12.56
N ALA A 122 -57.54 9.44 13.75
CA ALA A 122 -58.97 9.68 13.95
C ALA A 122 -59.39 11.04 13.40
N GLY A 123 -60.43 11.06 12.57
CA GLY A 123 -60.99 12.30 12.03
C GLY A 123 -60.28 12.85 10.80
N ARG A 124 -59.16 12.22 10.41
CA ARG A 124 -58.31 12.73 9.32
C ARG A 124 -58.32 11.78 8.13
N PRO A 125 -58.14 12.31 6.90
CA PRO A 125 -57.86 11.40 5.78
C PRO A 125 -56.48 10.75 5.88
N LEU A 126 -56.39 9.50 5.49
CA LEU A 126 -55.10 8.84 5.23
C LEU A 126 -54.84 8.94 3.73
N TYR A 127 -53.66 9.42 3.37
CA TYR A 127 -53.25 9.56 1.97
C TYR A 127 -52.27 8.44 1.61
N VAL A 128 -52.50 7.79 0.47
CA VAL A 128 -51.60 6.76 -0.03
C VAL A 128 -50.74 7.28 -1.18
N ILE A 129 -49.42 7.26 -1.01
CA ILE A 129 -48.49 7.82 -1.97
C ILE A 129 -47.65 6.70 -2.54
N PRO A 130 -48.00 6.19 -3.73
CA PRO A 130 -47.05 5.26 -4.36
C PRO A 130 -45.97 6.08 -5.04
N PHE A 131 -44.70 5.75 -4.77
CA PHE A 131 -43.62 6.57 -5.32
C PHE A 131 -42.38 5.78 -5.76
N SER A 132 -41.63 6.39 -6.67
CA SER A 132 -40.36 5.80 -7.14
C SER A 132 -39.20 6.70 -6.75
N MET A 133 -38.16 6.06 -6.21
CA MET A 133 -36.86 6.70 -5.99
C MET A 133 -36.03 6.41 -7.20
N GLY A 134 -35.90 7.41 -8.08
CA GLY A 134 -35.24 7.25 -9.39
C GLY A 134 -36.27 7.22 -10.51
N PRO A 135 -35.83 7.41 -11.77
CA PRO A 135 -36.74 7.24 -12.90
C PRO A 135 -37.31 5.83 -12.80
N PRO A 136 -38.66 5.67 -12.82
CA PRO A 136 -39.31 4.38 -12.56
C PRO A 136 -38.84 3.21 -13.43
N THR A 137 -38.32 3.52 -14.62
CA THR A 137 -37.80 2.46 -15.50
C THR A 137 -36.32 2.19 -15.33
N SER A 138 -35.66 2.90 -14.40
CA SER A 138 -34.24 2.64 -14.15
C SER A 138 -34.05 1.30 -13.44
N PRO A 139 -33.04 0.53 -13.85
CA PRO A 139 -32.69 -0.70 -13.14
C PRO A 139 -32.19 -0.43 -11.71
N LEU A 140 -31.82 0.83 -11.43
CA LEU A 140 -31.39 1.23 -10.10
C LEU A 140 -32.53 1.82 -9.24
N ALA A 141 -33.70 2.03 -9.84
CA ALA A 141 -34.83 2.62 -9.07
C ALA A 141 -35.38 1.64 -8.03
N LYS A 142 -35.94 2.19 -6.96
CA LYS A 142 -36.60 1.37 -5.94
C LYS A 142 -37.92 2.04 -5.61
N LEU A 143 -38.97 1.25 -5.40
CA LEU A 143 -40.31 1.77 -5.13
C LEU A 143 -40.67 1.77 -3.65
N GLY A 144 -41.58 2.66 -3.28
CA GLY A 144 -42.11 2.76 -1.93
C GLY A 144 -43.61 3.05 -1.98
N VAL A 145 -44.30 2.77 -0.87
CA VAL A 145 -45.66 3.31 -0.67
C VAL A 145 -45.62 4.01 0.69
N GLN A 146 -45.91 5.32 0.69
CA GLN A 146 -45.97 6.07 1.95
C GLN A 146 -47.40 6.38 2.26
N VAL A 147 -47.83 6.01 3.47
CA VAL A 147 -49.13 6.47 3.98
C VAL A 147 -48.86 7.58 5.00
N THR A 148 -49.71 8.61 4.97
CA THR A 148 -49.56 9.77 5.83
C THR A 148 -50.90 10.43 6.08
N ASP A 149 -50.98 11.17 7.18
CA ASP A 149 -52.16 12.02 7.45
C ASP A 149 -51.84 13.51 7.26
N SER A 150 -50.74 13.80 6.56
CA SER A 150 -50.34 15.18 6.29
C SER A 150 -50.38 15.53 4.80
N PRO A 151 -51.30 16.43 4.41
CA PRO A 151 -51.30 16.93 3.02
C PRO A 151 -50.02 17.67 2.68
N TYR A 152 -49.40 18.35 3.67
CA TYR A 152 -48.11 19.00 3.44
C TYR A 152 -47.07 17.97 2.97
N VAL A 153 -47.05 16.81 3.64
CA VAL A 153 -46.15 15.68 3.22
C VAL A 153 -46.46 15.21 1.80
N VAL A 154 -47.74 15.05 1.49
CA VAL A 154 -48.13 14.64 0.14
C VAL A 154 -47.63 15.63 -0.92
N LEU A 155 -47.87 16.92 -0.70
CA LEU A 155 -47.41 17.93 -1.65
CA LEU A 155 -47.43 17.95 -1.65
C LEU A 155 -45.90 17.89 -1.86
N SER A 156 -45.17 17.74 -0.76
CA SER A 156 -43.71 17.73 -0.82
C SER A 156 -43.18 16.43 -1.43
N MET A 157 -43.82 15.32 -1.09
CA MET A 157 -43.40 14.02 -1.68
C MET A 157 -43.60 14.02 -3.20
N ARG A 158 -44.67 14.66 -3.67
CA ARG A 158 -44.92 14.80 -5.09
C ARG A 158 -43.77 15.57 -5.80
N ILE A 159 -43.21 16.56 -5.13
CA ILE A 159 -42.09 17.31 -5.69
C ILE A 159 -40.79 16.50 -5.65
N MET A 160 -40.55 15.80 -4.53
CA MET A 160 -39.25 15.18 -4.23
C MET A 160 -39.04 13.78 -4.85
N THR A 161 -40.13 13.15 -5.29
CA THR A 161 -40.11 11.80 -5.82
C THR A 161 -41.04 11.71 -7.04
N ARG A 162 -41.04 10.55 -7.70
CA ARG A 162 -42.00 10.31 -8.77
C ARG A 162 -43.24 9.65 -8.21
N VAL A 163 -44.39 10.34 -8.35
CA VAL A 163 -45.70 9.85 -7.90
C VAL A 163 -46.61 9.86 -9.13
N GLY A 164 -47.18 8.75 -9.53
CA GLY A 164 -47.89 8.78 -10.81
C GLY A 164 -48.16 7.43 -11.40
N PRO A 165 -48.79 7.40 -12.59
CA PRO A 165 -49.25 6.17 -13.22
C PRO A 165 -48.12 5.19 -13.37
N ALA A 166 -47.00 5.67 -13.89
CA ALA A 166 -45.81 4.87 -14.13
C ALA A 166 -45.34 4.07 -12.90
N VAL A 167 -45.58 4.61 -11.70
CA VAL A 167 -45.20 3.93 -10.47
C VAL A 167 -46.13 2.77 -10.12
N LEU A 168 -47.44 3.02 -10.10
CA LEU A 168 -48.42 1.94 -9.85
C LEU A 168 -48.32 0.76 -10.79
N GLN A 169 -47.94 1.04 -12.04
CA GLN A 169 -47.83 0.02 -13.08
C GLN A 169 -46.70 -0.96 -12.82
N ARG A 170 -45.71 -0.50 -12.05
CA ARG A 170 -44.50 -1.26 -11.79
C ARG A 170 -44.48 -1.91 -10.41
N LEU A 171 -45.43 -1.52 -9.57
CA LEU A 171 -45.42 -1.89 -8.17
C LEU A 171 -45.78 -3.36 -7.99
N ASP A 172 -44.98 -4.08 -7.21
CA ASP A 172 -45.28 -5.47 -6.85
C ASP A 172 -44.99 -5.74 -5.36
N ASP A 173 -44.56 -6.94 -5.00
CA ASP A 173 -44.29 -7.27 -3.60
C ASP A 173 -43.09 -6.51 -3.04
N ASP A 174 -42.21 -6.04 -3.93
CA ASP A 174 -40.93 -5.48 -3.54
C ASP A 174 -41.01 -3.96 -3.54
N PHE A 175 -41.35 -3.42 -2.38
CA PHE A 175 -41.37 -1.99 -2.16
C PHE A 175 -41.14 -1.75 -0.68
N VAL A 176 -40.69 -0.53 -0.37
CA VAL A 176 -40.53 -0.12 1.02
C VAL A 176 -41.84 0.43 1.57
N ARG A 177 -42.32 -0.22 2.64
CA ARG A 177 -43.52 0.24 3.36
C ARG A 177 -43.15 1.43 4.25
N CYS A 178 -43.78 2.59 4.03
CA CYS A 178 -43.44 3.82 4.78
C CYS A 178 -44.69 4.32 5.49
N LEU A 179 -44.72 4.21 6.83
CA LEU A 179 -45.91 4.57 7.62
C LEU A 179 -45.57 5.86 8.36
N HIS A 180 -46.40 6.89 8.16
CA HIS A 180 -46.18 8.19 8.79
C HIS A 180 -47.47 8.73 9.43
N SER A 181 -47.37 9.27 10.64
CA SER A 181 -48.46 10.09 11.20
C SER A 181 -47.88 11.27 11.95
N VAL A 182 -48.52 12.44 11.84
CA VAL A 182 -48.18 13.60 12.69
C VAL A 182 -48.57 13.41 14.17
N GLY A 183 -49.39 12.40 14.46
CA GLY A 183 -49.69 12.05 15.85
C GLY A 183 -50.58 13.04 16.59
N ARG A 184 -51.55 13.62 15.89
CA ARG A 184 -52.49 14.54 16.51
C ARG A 184 -53.91 14.18 16.05
N PRO A 185 -54.48 13.09 16.61
CA PRO A 185 -55.84 12.67 16.27
C PRO A 185 -56.85 13.76 16.65
N LEU A 186 -57.94 13.80 15.89
CA LEU A 186 -59.06 14.70 16.18
C LEU A 186 -60.09 13.97 17.07
N PRO A 187 -60.82 14.72 17.91
CA PRO A 187 -60.75 16.17 18.04
C PRO A 187 -59.54 16.66 18.83
N LEU A 188 -59.01 17.82 18.45
CA LEU A 188 -57.94 18.47 19.19
C LEU A 188 -58.44 18.90 20.56
N THR A 189 -57.57 18.84 21.57
CA THR A 189 -57.94 19.28 22.92
C THR A 189 -57.37 20.66 23.27
N GLU A 190 -56.63 21.25 22.33
CA GLU A 190 -56.04 22.58 22.47
C GLU A 190 -55.66 23.10 21.07
N PRO A 191 -55.49 24.43 20.92
CA PRO A 191 -55.07 24.96 19.62
C PRO A 191 -53.67 24.50 19.19
N LEU A 192 -53.49 24.38 17.88
CA LEU A 192 -52.19 24.16 17.29
C LEU A 192 -51.38 25.46 17.30
N VAL A 193 -50.07 25.34 17.12
CA VAL A 193 -49.23 26.49 16.81
C VAL A 193 -49.05 26.54 15.30
N SER A 194 -49.33 27.69 14.70
CA SER A 194 -49.19 27.87 13.24
C SER A 194 -49.91 26.78 12.42
N SER A 195 -51.06 26.31 12.92
CA SER A 195 -51.88 25.26 12.25
C SER A 195 -51.11 23.97 11.95
N TRP A 196 -50.08 23.70 12.74
CA TRP A 196 -49.10 22.64 12.46
C TRP A 196 -49.20 21.49 13.46
N PRO A 197 -49.87 20.37 13.07
CA PRO A 197 -50.02 19.28 14.01
C PRO A 197 -48.73 18.49 14.19
N CYS A 198 -48.41 18.16 15.44
CA CYS A 198 -47.24 17.36 15.76
C CYS A 198 -47.37 16.82 17.19
N ASP A 199 -46.47 15.90 17.56
CA ASP A 199 -46.43 15.35 18.91
C ASP A 199 -44.97 15.23 19.33
N PRO A 200 -44.32 16.38 19.59
CA PRO A 200 -42.88 16.41 19.77
C PRO A 200 -42.33 15.51 20.87
N SER A 201 -43.07 15.36 21.96
CA SER A 201 -42.60 14.59 23.10
C SER A 201 -42.49 13.08 22.79
N ARG A 202 -43.13 12.65 21.70
CA ARG A 202 -43.20 11.21 21.36
C ARG A 202 -42.69 10.92 19.97
N VAL A 203 -41.92 11.84 19.39
CA VAL A 203 -41.38 11.63 18.03
C VAL A 203 -40.56 10.34 17.97
N LEU A 204 -40.72 9.57 16.89
CA LEU A 204 -40.00 8.30 16.71
C LEU A 204 -39.83 8.13 15.21
N VAL A 205 -38.59 8.02 14.73
CA VAL A 205 -38.33 7.80 13.30
C VAL A 205 -37.51 6.50 13.17
N ALA A 206 -38.21 5.42 12.81
CA ALA A 206 -37.66 4.07 12.93
C ALA A 206 -37.47 3.42 11.57
N HIS A 207 -36.40 2.64 11.45
CA HIS A 207 -36.04 1.97 10.21
C HIS A 207 -35.89 0.48 10.50
N ILE A 208 -36.63 -0.34 9.76
CA ILE A 208 -36.68 -1.78 10.07
C ILE A 208 -36.31 -2.50 8.77
N PRO A 209 -35.00 -2.56 8.47
CA PRO A 209 -34.61 -3.10 7.16
C PRO A 209 -35.04 -4.54 6.86
N SER A 210 -35.07 -5.40 7.89
CA SER A 210 -35.47 -6.80 7.69
C SER A 210 -36.95 -6.91 7.27
N GLU A 211 -37.71 -5.83 7.45
CA GLU A 211 -39.11 -5.83 7.05
C GLU A 211 -39.42 -4.84 5.93
N ARG A 212 -38.38 -4.31 5.33
CA ARG A 212 -38.49 -3.27 4.29
C ARG A 212 -39.46 -2.18 4.74
N ARG A 213 -39.22 -1.63 5.93
CA ARG A 213 -40.21 -0.72 6.50
C ARG A 213 -39.56 0.50 7.18
N ILE A 214 -40.24 1.64 7.08
CA ILE A 214 -39.94 2.84 7.83
C ILE A 214 -41.22 3.24 8.54
N VAL A 215 -41.08 3.63 9.81
CA VAL A 215 -42.24 4.02 10.63
C VAL A 215 -41.90 5.33 11.30
N SER A 216 -42.70 6.38 11.08
CA SER A 216 -42.32 7.71 11.59
C SER A 216 -43.54 8.33 12.23
N PHE A 217 -43.39 8.79 13.48
CA PHE A 217 -44.49 9.31 14.26
C PHE A 217 -44.14 10.66 14.88
N GLY A 218 -45.04 11.62 14.75
CA GLY A 218 -44.98 12.80 15.63
C GLY A 218 -44.41 14.08 15.06
N SER A 219 -43.82 13.99 13.87
CA SER A 219 -43.21 15.16 13.22
C SER A 219 -43.72 15.29 11.80
N GLY A 220 -43.98 16.52 11.37
CA GLY A 220 -44.37 16.78 9.99
C GLY A 220 -43.19 17.31 9.18
N TYR A 221 -42.01 17.43 9.82
CA TYR A 221 -40.89 18.14 9.21
CA TYR A 221 -40.88 18.12 9.23
C TYR A 221 -39.98 17.28 8.35
N GLY A 222 -39.62 17.83 7.19
CA GLY A 222 -38.55 17.35 6.29
C GLY A 222 -38.05 15.93 6.41
N GLY A 223 -36.84 15.74 6.94
CA GLY A 223 -36.23 14.42 7.03
C GLY A 223 -36.95 13.41 7.90
N ASN A 224 -37.85 13.92 8.75
CA ASN A 224 -38.64 13.04 9.59
C ASN A 224 -39.88 12.53 8.86
N SER A 225 -40.42 13.34 7.93
CA SER A 225 -41.75 13.06 7.38
C SER A 225 -41.75 12.72 5.89
N LEU A 226 -40.76 13.22 5.16
CA LEU A 226 -40.67 12.94 3.73
C LEU A 226 -39.83 11.71 3.68
N LEU A 227 -40.49 10.54 3.73
CA LEU A 227 -39.75 9.31 4.02
C LEU A 227 -38.80 8.85 2.91
N GLY A 228 -38.97 9.37 1.69
CA GLY A 228 -37.94 9.14 0.66
C GLY A 228 -36.60 9.80 0.96
N LYS A 229 -36.60 11.04 1.46
CA LYS A 229 -35.56 12.02 1.66
CA LYS A 229 -35.42 11.96 1.49
C LYS A 229 -34.16 11.45 2.18
N LYS A 230 -34.32 10.88 3.38
CA LYS A 230 -33.18 10.32 4.13
C LYS A 230 -33.47 8.91 4.63
N CYS A 231 -34.69 8.69 5.13
CA CYS A 231 -35.01 7.40 5.73
C CYS A 231 -34.87 6.28 4.70
N PHE A 232 -35.44 6.50 3.53
CA PHE A 232 -35.34 5.51 2.43
C PHE A 232 -34.02 5.69 1.68
N ALA A 233 -33.78 6.89 1.14
CA ALA A 233 -32.65 7.07 0.19
C ALA A 233 -31.25 6.82 0.80
N LEU A 234 -31.12 6.98 2.12
CA LEU A 234 -29.86 6.64 2.81
C LEU A 234 -29.93 5.47 3.77
N ARG A 235 -30.85 5.51 4.74
CA ARG A 235 -30.79 4.47 5.79
C ARG A 235 -31.21 3.07 5.28
N ILE A 236 -32.43 2.94 4.77
CA ILE A 236 -32.86 1.67 4.20
C ILE A 236 -32.01 1.32 2.97
N ALA A 237 -31.81 2.29 2.08
CA ALA A 237 -31.07 2.02 0.85
C ALA A 237 -29.62 1.57 1.10
N SER A 238 -28.94 2.14 2.10
CA SER A 238 -27.55 1.74 2.36
C SER A 238 -27.45 0.25 2.70
N ARG A 239 -28.40 -0.25 3.51
CA ARG A 239 -28.40 -1.66 3.91
C ARG A 239 -28.78 -2.51 2.67
N MET A 240 -29.75 -2.05 1.88
CA MET A 240 -30.06 -2.79 0.65
C MET A 240 -28.80 -2.88 -0.20
N ALA A 241 -28.11 -1.74 -0.34
CA ALA A 241 -26.92 -1.63 -1.19
C ALA A 241 -25.82 -2.61 -0.72
N GLN A 242 -25.66 -2.74 0.60
CA GLN A 242 -24.64 -3.64 1.13
C GLN A 242 -24.97 -5.11 0.78
N GLN A 243 -26.27 -5.42 0.75
CA GLN A 243 -26.76 -6.77 0.48
CA GLN A 243 -26.72 -6.79 0.48
C GLN A 243 -26.76 -7.13 -1.00
N GLN A 244 -26.87 -6.11 -1.83
CA GLN A 244 -27.14 -6.28 -3.27
C GLN A 244 -26.02 -5.82 -4.19
N GLY A 245 -24.91 -5.35 -3.62
CA GLY A 245 -23.76 -5.00 -4.45
C GLY A 245 -23.83 -3.64 -5.12
N TRP A 246 -24.31 -2.64 -4.38
CA TRP A 246 -24.29 -1.27 -4.86
C TRP A 246 -24.00 -0.29 -3.73
N LEU A 247 -24.11 1.01 -4.02
CA LEU A 247 -23.82 2.05 -3.01
C LEU A 247 -24.93 3.09 -2.96
N ALA A 248 -25.36 3.43 -1.75
CA ALA A 248 -26.36 4.48 -1.51
C ALA A 248 -25.69 5.54 -0.63
N GLU A 249 -25.46 6.70 -1.20
CA GLU A 249 -24.53 7.67 -0.64
C GLU A 249 -25.08 9.08 -0.54
N HIS A 250 -24.48 9.85 0.37
CA HIS A 250 -24.86 11.24 0.62
C HIS A 250 -23.93 12.10 -0.22
N MET A 251 -24.16 12.10 -1.54
CA MET A 251 -23.26 12.74 -2.52
C MET A 251 -24.07 13.48 -3.57
N LEU A 252 -23.58 14.67 -3.92
CA LEU A 252 -24.05 15.38 -5.13
C LEU A 252 -23.44 14.65 -6.33
N ILE A 253 -24.01 14.85 -7.52
CA ILE A 253 -23.46 14.30 -8.75
C ILE A 253 -23.45 15.45 -9.74
N LEU A 254 -22.31 15.68 -10.39
CA LEU A 254 -22.26 16.77 -11.37
C LEU A 254 -21.58 16.31 -12.64
N GLY A 255 -21.87 17.00 -13.73
CA GLY A 255 -21.20 16.76 -15.03
C GLY A 255 -20.27 17.91 -15.28
N VAL A 256 -19.02 17.63 -15.67
CA VAL A 256 -18.02 18.66 -15.98
C VAL A 256 -17.65 18.49 -17.45
N THR A 257 -17.76 19.55 -18.24
CA THR A 257 -17.39 19.47 -19.66
C THR A 257 -16.19 20.40 -19.92
N SER A 258 -15.14 19.86 -20.54
CA SER A 258 -13.94 20.66 -20.84
C SER A 258 -14.21 21.55 -22.05
N PRO A 259 -13.44 22.66 -22.20
CA PRO A 259 -13.56 23.52 -23.39
C PRO A 259 -13.57 22.75 -24.70
N SER A 260 -12.84 21.64 -24.79
CA SER A 260 -12.70 20.92 -26.05
CA SER A 260 -12.70 20.93 -26.06
C SER A 260 -13.74 19.81 -26.24
N GLY A 261 -14.65 19.69 -25.29
CA GLY A 261 -15.83 18.87 -25.47
C GLY A 261 -15.88 17.50 -24.83
N GLU A 262 -14.94 17.19 -23.95
CA GLU A 262 -15.04 15.92 -23.22
C GLU A 262 -15.81 16.16 -21.93
N LYS A 263 -16.67 15.20 -21.59
CA LYS A 263 -17.50 15.30 -20.40
C LYS A 263 -17.23 14.17 -19.40
N ARG A 264 -17.07 14.51 -18.12
CA ARG A 264 -16.88 13.53 -17.07
C ARG A 264 -17.80 13.87 -15.91
N TYR A 265 -18.30 12.84 -15.26
CA TYR A 265 -19.16 13.02 -14.11
C TYR A 265 -18.39 12.72 -12.83
N MET A 266 -18.75 13.44 -11.79
CA MET A 266 -18.12 13.31 -10.48
C MET A 266 -19.19 13.31 -9.40
N ALA A 267 -18.94 12.60 -8.30
CA ALA A 267 -19.79 12.64 -7.11
C ALA A 267 -18.99 13.23 -5.95
N ALA A 268 -19.66 13.90 -5.01
CA ALA A 268 -18.95 14.52 -3.90
C ALA A 268 -19.77 14.49 -2.63
N ALA A 269 -19.11 14.16 -1.51
CA ALA A 269 -19.77 14.09 -0.20
C ALA A 269 -19.22 15.26 0.63
N PHE A 270 -20.10 16.18 1.02
CA PHE A 270 -19.73 17.30 1.87
C PHE A 270 -20.57 17.23 3.16
N PRO A 271 -19.94 17.29 4.34
CA PRO A 271 -20.77 17.39 5.56
C PRO A 271 -21.22 18.82 5.78
N SER A 272 -22.26 19.03 6.59
CA SER A 272 -22.70 20.40 6.96
C SER A 272 -22.95 21.33 5.77
N ALA A 273 -22.94 20.76 4.57
CA ALA A 273 -23.32 21.47 3.36
C ALA A 273 -24.58 20.81 2.80
N CYS A 274 -25.20 19.98 3.63
CA CYS A 274 -26.42 19.27 3.26
C CYS A 274 -27.54 20.30 3.17
N GLY A 275 -28.13 20.42 1.98
CA GLY A 275 -29.19 21.41 1.74
C GLY A 275 -28.65 22.77 1.33
N LYS A 276 -27.32 22.94 1.41
CA LYS A 276 -26.69 24.25 1.17
C LYS A 276 -26.10 24.36 -0.22
N THR A 277 -25.69 25.57 -0.60
CA THR A 277 -25.08 25.82 -1.89
C THR A 277 -23.81 24.98 -2.07
N ASN A 278 -23.67 24.32 -3.21
CA ASN A 278 -22.49 23.49 -3.44
CA ASN A 278 -22.51 23.47 -3.45
C ASN A 278 -21.97 23.54 -4.88
N LEU A 279 -21.09 22.60 -5.21
CA LEU A 279 -20.51 22.47 -6.50
C LEU A 279 -21.56 22.21 -7.57
N ALA A 280 -22.63 21.50 -7.21
CA ALA A 280 -23.57 20.93 -8.19
C ALA A 280 -24.29 21.96 -9.04
N MET A 281 -24.45 23.18 -8.51
CA MET A 281 -25.12 24.29 -9.21
C MET A 281 -24.18 25.44 -9.53
N MET A 282 -22.88 25.17 -9.44
CA MET A 282 -21.82 26.16 -9.64
C MET A 282 -21.80 26.73 -11.06
N THR A 283 -21.60 28.04 -11.15
CA THR A 283 -21.27 28.71 -12.40
C THR A 283 -19.75 28.86 -12.46
N PRO A 284 -19.08 28.06 -13.33
CA PRO A 284 -17.62 28.01 -13.36
C PRO A 284 -16.92 29.33 -13.72
N SER A 285 -15.79 29.61 -13.08
CA SER A 285 -15.00 30.81 -13.34
C SER A 285 -13.83 30.58 -14.31
N LEU A 286 -13.78 29.40 -14.92
CA LEU A 286 -12.81 29.12 -15.99
C LEU A 286 -13.53 29.14 -17.34
N PRO A 287 -13.09 30.00 -18.26
CA PRO A 287 -13.76 30.09 -19.57
C PRO A 287 -13.79 28.75 -20.28
N GLY A 288 -14.91 28.42 -20.91
CA GLY A 288 -15.01 27.24 -21.75
C GLY A 288 -15.49 25.99 -21.03
N TRP A 289 -15.29 25.93 -19.71
CA TRP A 289 -15.73 24.79 -18.90
C TRP A 289 -17.24 24.91 -18.60
N ARG A 290 -17.96 23.78 -18.58
CA ARG A 290 -19.39 23.80 -18.23
C ARG A 290 -19.64 22.83 -17.07
N ILE A 291 -20.58 23.18 -16.20
CA ILE A 291 -21.02 22.33 -15.11
C ILE A 291 -22.53 22.13 -15.23
N HIS A 292 -22.97 20.88 -15.08
CA HIS A 292 -24.37 20.54 -15.08
C HIS A 292 -24.66 19.78 -13.77
N CYS A 293 -25.87 19.93 -13.27
CA CYS A 293 -26.28 19.27 -12.04
C CYS A 293 -27.02 17.98 -12.35
N VAL A 294 -26.56 16.87 -11.79
CA VAL A 294 -27.36 15.63 -11.82
C VAL A 294 -28.19 15.51 -10.54
N GLY A 295 -27.54 15.73 -9.39
CA GLY A 295 -28.25 15.77 -8.13
C GLY A 295 -27.44 16.57 -7.12
N ASP A 296 -28.08 17.01 -6.05
CA ASP A 296 -27.30 17.75 -5.06
C ASP A 296 -27.36 17.14 -3.67
N ASP A 297 -27.78 15.86 -3.55
CA ASP A 297 -27.88 15.31 -2.19
C ASP A 297 -27.61 13.80 -2.06
N ILE A 298 -28.30 13.00 -2.87
CA ILE A 298 -28.23 11.53 -2.77
C ILE A 298 -27.76 10.95 -4.08
N ALA A 299 -26.87 9.94 -4.01
CA ALA A 299 -26.37 9.25 -5.21
C ALA A 299 -26.53 7.75 -4.98
N TRP A 300 -27.17 7.06 -5.91
CA TRP A 300 -27.23 5.61 -5.86
C TRP A 300 -26.38 5.13 -6.99
N MET A 301 -25.43 4.24 -6.69
CA MET A 301 -24.38 3.90 -7.68
C MET A 301 -24.16 2.41 -7.76
N LYS A 302 -23.97 1.90 -8.98
CA LYS A 302 -23.74 0.47 -9.15
C LYS A 302 -22.84 0.26 -10.35
N PHE A 303 -21.85 -0.63 -10.23
CA PHE A 303 -21.03 -0.96 -11.39
C PHE A 303 -21.85 -1.65 -12.49
N ASP A 304 -21.66 -1.20 -13.73
CA ASP A 304 -22.28 -1.88 -14.88
C ASP A 304 -21.41 -3.05 -15.37
N ASP A 305 -21.84 -3.71 -16.46
CA ASP A 305 -21.10 -4.89 -16.93
CA ASP A 305 -21.13 -4.88 -16.98
C ASP A 305 -19.72 -4.57 -17.50
N GLU A 306 -19.49 -3.29 -17.81
CA GLU A 306 -18.20 -2.82 -18.35
C GLU A 306 -17.27 -2.29 -17.25
N GLY A 307 -17.73 -2.36 -16.00
CA GLY A 307 -16.93 -1.95 -14.86
C GLY A 307 -17.02 -0.46 -14.55
N ARG A 308 -17.92 0.26 -15.22
CA ARG A 308 -18.08 1.69 -14.94
C ARG A 308 -19.09 1.88 -13.82
N LEU A 309 -18.75 2.76 -12.88
CA LEU A 309 -19.65 3.04 -11.77
C LEU A 309 -20.74 4.01 -12.23
N ARG A 310 -21.96 3.50 -12.37
CA ARG A 310 -23.10 4.30 -12.86
C ARG A 310 -23.90 4.83 -11.69
N ALA A 311 -24.19 6.13 -11.72
CA ALA A 311 -24.96 6.76 -10.64
C ALA A 311 -26.30 7.30 -11.13
N ILE A 312 -27.36 7.14 -10.32
CA ILE A 312 -28.56 7.96 -10.50
C ILE A 312 -28.83 8.88 -9.31
N ASN A 313 -29.52 9.98 -9.58
CA ASN A 313 -30.12 10.79 -8.54
C ASN A 313 -31.51 10.19 -8.28
N PRO A 314 -31.73 9.61 -7.07
CA PRO A 314 -33.05 8.98 -6.83
C PRO A 314 -34.15 9.98 -6.41
N GLU A 315 -33.85 11.27 -6.45
CA GLU A 315 -34.85 12.30 -6.13
C GLU A 315 -35.31 13.07 -7.36
N ARG A 316 -36.43 13.79 -7.24
CA ARG A 316 -37.00 14.53 -8.35
C ARG A 316 -37.05 16.04 -8.05
N GLY A 317 -36.66 16.43 -6.85
CA GLY A 317 -36.76 17.82 -6.41
C GLY A 317 -35.62 18.18 -5.49
N PHE A 318 -35.55 19.45 -5.13
CA PHE A 318 -34.56 19.97 -4.18
C PHE A 318 -35.25 20.39 -2.91
N PHE A 319 -34.69 19.96 -1.78
CA PHE A 319 -35.24 20.33 -0.48
C PHE A 319 -34.09 21.06 0.22
N GLY A 320 -33.92 22.32 -0.12
CA GLY A 320 -32.70 23.08 0.23
C GLY A 320 -32.88 24.01 1.40
N VAL A 321 -31.80 24.21 2.16
CA VAL A 321 -31.76 25.19 3.24
C VAL A 321 -31.82 26.60 2.64
N ALA A 322 -32.80 27.39 3.09
CA ALA A 322 -33.05 28.69 2.46
C ALA A 322 -32.08 29.82 2.83
N PRO A 323 -31.84 30.06 4.15
CA PRO A 323 -30.96 31.18 4.53
C PRO A 323 -29.59 31.08 3.86
N GLY A 324 -29.11 32.22 3.38
CA GLY A 324 -27.86 32.29 2.64
C GLY A 324 -28.02 32.20 1.13
N THR A 325 -29.22 31.83 0.66
CA THR A 325 -29.47 31.72 -0.77
C THR A 325 -29.68 33.10 -1.37
N SER A 326 -28.93 33.41 -2.42
CA SER A 326 -29.10 34.70 -3.09
C SER A 326 -28.69 34.62 -4.55
N SER A 327 -29.06 35.62 -5.35
CA SER A 327 -28.57 35.69 -6.74
C SER A 327 -27.05 35.80 -6.81
N ARG A 328 -26.44 36.42 -5.80
CA ARG A 328 -24.99 36.55 -5.76
C ARG A 328 -24.30 35.21 -5.52
N THR A 329 -24.83 34.39 -4.62
CA THR A 329 -24.19 33.13 -4.22
C THR A 329 -24.64 31.96 -5.09
N ASN A 330 -25.91 31.97 -5.49
CA ASN A 330 -26.45 30.83 -6.22
C ASN A 330 -27.62 31.20 -7.13
N PRO A 331 -27.32 31.85 -8.26
CA PRO A 331 -28.38 32.25 -9.19
C PRO A 331 -29.16 31.04 -9.71
N ASN A 332 -28.50 29.89 -9.89
CA ASN A 332 -29.25 28.70 -10.34
C ASN A 332 -30.28 28.22 -9.34
N ALA A 333 -29.95 28.24 -8.06
CA ALA A 333 -30.95 27.91 -7.04
C ALA A 333 -32.10 28.93 -7.05
N MET A 334 -31.75 30.21 -7.19
CA MET A 334 -32.76 31.28 -7.24
C MET A 334 -33.74 31.07 -8.39
N ALA A 335 -33.23 30.68 -9.55
CA ALA A 335 -34.12 30.35 -10.67
C ALA A 335 -35.04 29.17 -10.35
N THR A 336 -34.47 28.17 -9.68
CA THR A 336 -35.20 26.92 -9.38
C THR A 336 -36.41 27.20 -8.49
N ILE A 337 -36.26 28.16 -7.57
CA ILE A 337 -37.26 28.36 -6.52
C ILE A 337 -38.18 29.52 -6.82
N ALA A 338 -38.10 30.07 -8.04
CA ALA A 338 -38.85 31.26 -8.41
C ALA A 338 -40.33 30.97 -8.63
N ARG A 339 -40.68 29.70 -8.82
CA ARG A 339 -42.05 29.29 -9.16
C ARG A 339 -42.33 27.89 -8.64
N ASN A 340 -43.61 27.59 -8.43
CA ASN A 340 -44.04 26.24 -8.05
C ASN A 340 -43.23 25.67 -6.86
N THR A 341 -42.91 26.54 -5.91
CA THR A 341 -42.06 26.15 -4.79
C THR A 341 -42.79 26.30 -3.47
N ILE A 342 -42.60 25.33 -2.57
CA ILE A 342 -43.14 25.40 -1.22
C ILE A 342 -42.02 25.78 -0.27
N PHE A 343 -42.22 26.89 0.46
CA PHE A 343 -41.26 27.35 1.45
C PHE A 343 -41.72 26.99 2.85
N THR A 344 -40.79 26.58 3.72
CA THR A 344 -41.16 26.26 5.09
C THR A 344 -40.31 27.05 6.07
N ASN A 345 -40.98 27.83 6.92
CA ASN A 345 -40.35 28.61 8.01
C ASN A 345 -39.44 29.75 7.57
N VAL A 346 -39.68 30.31 6.37
CA VAL A 346 -38.99 31.54 5.98
C VAL A 346 -39.87 32.72 6.40
N GLY A 347 -39.33 33.94 6.32
CA GLY A 347 -40.10 35.14 6.60
C GLY A 347 -41.08 35.46 5.48
N LEU A 348 -42.11 36.23 5.82
CA LEU A 348 -43.15 36.65 4.88
C LEU A 348 -43.11 38.16 4.82
N ARG A 349 -43.10 38.70 3.60
CA ARG A 349 -42.98 40.15 3.40
C ARG A 349 -44.36 40.75 3.10
N SER A 350 -44.47 42.06 3.35
CA SER A 350 -45.71 42.79 3.13
C SER A 350 -46.11 42.89 1.64
N ASP A 351 -45.17 42.58 0.74
CA ASP A 351 -45.44 42.60 -0.70
C ASP A 351 -45.73 41.19 -1.24
N GLY A 352 -45.90 40.23 -0.33
CA GLY A 352 -46.27 38.88 -0.73
C GLY A 352 -45.11 38.01 -1.18
N GLY A 353 -43.89 38.44 -0.89
CA GLY A 353 -42.70 37.62 -1.11
C GLY A 353 -42.16 36.99 0.17
N VAL A 354 -40.96 36.39 0.06
CA VAL A 354 -40.34 35.70 1.18
C VAL A 354 -39.10 36.42 1.65
N TYR A 355 -38.66 36.10 2.85
CA TYR A 355 -37.39 36.67 3.33
C TYR A 355 -36.57 35.68 4.14
N TRP A 356 -35.24 35.75 3.97
CA TRP A 356 -34.30 35.07 4.86
C TRP A 356 -32.99 35.83 4.85
N ASP A 357 -32.20 35.64 5.89
CA ASP A 357 -30.88 36.27 5.94
C ASP A 357 -30.11 35.95 4.67
N GLY A 358 -29.59 37.01 4.02
CA GLY A 358 -28.77 36.83 2.81
C GLY A 358 -29.51 37.05 1.50
N LEU A 359 -30.84 37.02 1.56
CA LEU A 359 -31.63 37.21 0.34
C LEU A 359 -31.41 38.59 -0.25
N ASP A 360 -31.23 38.64 -1.57
CA ASP A 360 -30.98 39.91 -2.27
C ASP A 360 -32.04 40.32 -3.29
N GLU A 361 -33.25 39.75 -3.20
CA GLU A 361 -34.35 40.13 -4.09
C GLU A 361 -34.64 41.61 -3.86
N PRO A 362 -34.62 42.43 -4.94
CA PRO A 362 -34.98 43.85 -4.77
C PRO A 362 -36.40 43.99 -4.23
N THR A 363 -36.56 44.82 -3.20
CA THR A 363 -37.88 45.16 -2.65
C THR A 363 -38.04 46.67 -2.51
N GLU A 364 -39.26 47.15 -2.65
CA GLU A 364 -39.55 48.58 -2.53
C GLU A 364 -39.32 49.09 -1.10
N PRO A 365 -39.08 50.40 -0.96
CA PRO A 365 -38.90 50.91 0.40
C PRO A 365 -40.16 50.68 1.22
N GLY A 366 -39.99 50.44 2.51
CA GLY A 366 -41.14 50.34 3.38
C GLY A 366 -41.75 48.95 3.41
N VAL A 367 -41.20 48.01 2.65
CA VAL A 367 -41.64 46.61 2.82
C VAL A 367 -41.31 46.15 4.24
N THR A 368 -42.26 45.49 4.89
CA THR A 368 -42.09 45.02 6.27
C THR A 368 -42.20 43.49 6.31
N TYR A 369 -41.89 42.90 7.46
CA TYR A 369 -41.69 41.43 7.60
C TYR A 369 -42.42 40.80 8.77
N THR A 370 -42.79 39.53 8.60
CA THR A 370 -43.31 38.70 9.67
C THR A 370 -42.40 37.47 9.72
N SER A 371 -41.85 37.19 10.92
CA SER A 371 -40.95 36.03 11.07
C SER A 371 -41.68 34.69 10.91
N TRP A 372 -40.93 33.61 10.94
CA TRP A 372 -41.50 32.25 10.86
C TRP A 372 -42.36 31.92 12.11
N LEU A 373 -42.22 32.74 13.15
CA LEU A 373 -43.02 32.59 14.36
C LEU A 373 -44.32 33.39 14.29
N GLY A 374 -44.50 34.11 13.19
CA GLY A 374 -45.72 34.89 12.98
C GLY A 374 -45.73 36.20 13.74
N LYS A 375 -44.55 36.70 14.08
CA LYS A 375 -44.41 37.97 14.79
C LYS A 375 -43.81 39.03 13.88
N PRO A 376 -44.16 40.31 14.13
CA PRO A 376 -43.51 41.33 13.32
C PRO A 376 -42.00 41.23 13.53
N TRP A 377 -41.23 41.48 12.48
CA TRP A 377 -39.79 41.35 12.53
C TRP A 377 -39.13 42.50 11.77
N LYS A 378 -38.06 43.05 12.37
CA LYS A 378 -37.21 44.04 11.71
C LYS A 378 -35.77 43.65 11.93
N HIS A 379 -34.90 44.08 11.02
CA HIS A 379 -33.46 43.92 11.18
C HIS A 379 -32.98 44.33 12.57
N GLY A 380 -32.17 43.47 13.19
CA GLY A 380 -31.66 43.72 14.54
C GLY A 380 -32.36 42.93 15.63
N ASP A 381 -33.46 42.26 15.27
CA ASP A 381 -34.13 41.35 16.20
C ASP A 381 -33.09 40.31 16.58
N PRO A 382 -33.08 39.87 17.86
CA PRO A 382 -32.12 38.85 18.29
C PRO A 382 -32.29 37.54 17.52
N GLU A 383 -33.51 37.30 17.04
CA GLU A 383 -33.83 36.07 16.33
C GLU A 383 -33.93 36.28 14.81
N PRO A 384 -33.49 35.28 14.03
CA PRO A 384 -33.56 35.44 12.58
C PRO A 384 -35.01 35.44 12.08
N CYS A 385 -35.24 36.13 10.97
CA CYS A 385 -36.59 36.19 10.36
C CYS A 385 -37.04 34.82 9.93
N ALA A 386 -36.12 34.09 9.32
CA ALA A 386 -36.37 32.71 8.88
C ALA A 386 -35.63 31.79 9.84
N HIS A 387 -36.22 30.64 10.16
CA HIS A 387 -35.52 29.67 11.04
C HIS A 387 -34.25 29.21 10.28
N PRO A 388 -33.14 28.98 11.01
CA PRO A 388 -31.89 28.59 10.32
C PRO A 388 -31.99 27.32 9.48
N ASN A 389 -32.96 26.46 9.78
CA ASN A 389 -33.18 25.21 9.06
C ASN A 389 -34.40 25.29 8.12
N SER A 390 -34.82 26.53 7.82
CA SER A 390 -35.94 26.78 6.90
C SER A 390 -35.59 26.30 5.50
N ARG A 391 -36.64 26.01 4.71
CA ARG A 391 -36.44 25.24 3.48
C ARG A 391 -37.21 25.75 2.29
N PHE A 392 -36.68 25.46 1.11
CA PHE A 392 -37.47 25.46 -0.12
C PHE A 392 -37.60 24.04 -0.61
N CYS A 393 -38.72 23.78 -1.28
CA CYS A 393 -38.95 22.47 -1.87
C CYS A 393 -39.43 22.74 -3.29
N ALA A 394 -38.57 22.44 -4.28
CA ALA A 394 -38.83 22.84 -5.68
C ALA A 394 -38.52 21.69 -6.65
N PRO A 395 -39.27 21.56 -7.75
CA PRO A 395 -38.94 20.51 -8.73
C PRO A 395 -37.59 20.72 -9.39
N ALA A 396 -36.84 19.63 -9.58
CA ALA A 396 -35.47 19.76 -10.08
C ALA A 396 -35.45 20.23 -11.52
N ASP A 397 -36.54 19.97 -12.27
CA ASP A 397 -36.55 20.32 -13.70
C ASP A 397 -36.60 21.83 -13.92
N GLN A 398 -36.74 22.61 -12.83
CA GLN A 398 -36.72 24.07 -12.91
C GLN A 398 -35.31 24.62 -12.78
N CYS A 399 -34.34 23.75 -12.46
CA CYS A 399 -32.97 24.21 -12.34
C CYS A 399 -32.37 24.38 -13.75
N PRO A 400 -31.90 25.60 -14.09
CA PRO A 400 -31.46 25.89 -15.46
C PRO A 400 -30.28 25.07 -15.97
N ILE A 401 -29.51 24.47 -15.07
CA ILE A 401 -28.30 23.73 -15.46
C ILE A 401 -28.42 22.23 -15.20
N MET A 402 -29.65 21.72 -15.08
CA MET A 402 -29.81 20.27 -14.96
C MET A 402 -29.13 19.57 -16.13
N ASP A 403 -28.38 18.52 -15.84
CA ASP A 403 -27.73 17.74 -16.88
C ASP A 403 -28.78 17.10 -17.80
N PRO A 404 -28.49 17.02 -19.11
CA PRO A 404 -29.40 16.31 -20.04
C PRO A 404 -29.73 14.88 -19.57
N ARG A 405 -28.81 14.27 -18.83
CA ARG A 405 -28.97 12.87 -18.38
C ARG A 405 -29.36 12.78 -16.91
N TRP A 406 -29.83 13.87 -16.32
CA TRP A 406 -30.13 13.85 -14.87
C TRP A 406 -31.24 12.85 -14.49
N ASP A 407 -32.14 12.56 -15.43
CA ASP A 407 -33.17 11.54 -15.19
C ASP A 407 -33.12 10.39 -16.20
N ASP A 408 -31.92 10.16 -16.73
CA ASP A 408 -31.65 9.03 -17.64
C ASP A 408 -31.68 7.75 -16.81
N PRO A 409 -32.52 6.75 -17.17
CA PRO A 409 -32.63 5.53 -16.38
C PRO A 409 -31.32 4.71 -16.28
N GLU A 410 -30.42 4.85 -17.27
CA GLU A 410 -29.15 4.13 -17.28
CA GLU A 410 -29.14 4.13 -17.29
C GLU A 410 -28.14 4.67 -16.26
N GLY A 411 -28.32 5.91 -15.83
CA GLY A 411 -27.36 6.48 -14.90
C GLY A 411 -26.14 7.03 -15.62
N VAL A 412 -25.35 7.80 -14.90
CA VAL A 412 -24.16 8.45 -15.47
C VAL A 412 -22.87 7.85 -14.90
N PRO A 413 -21.82 7.69 -15.75
CA PRO A 413 -20.58 7.04 -15.32
C PRO A 413 -19.71 7.95 -14.45
N ILE A 414 -19.41 7.52 -13.23
CA ILE A 414 -18.65 8.33 -12.24
C ILE A 414 -17.15 8.05 -12.29
N ASP A 415 -16.35 9.10 -12.56
CA ASP A 415 -14.89 8.95 -12.72
C ASP A 415 -14.08 9.53 -11.56
N ALA A 416 -14.75 10.26 -10.67
CA ALA A 416 -14.12 10.81 -9.46
C ALA A 416 -15.13 10.91 -8.35
N ILE A 417 -14.68 10.58 -7.14
CA ILE A 417 -15.46 10.81 -5.93
C ILE A 417 -14.66 11.71 -5.03
N ILE A 418 -15.31 12.76 -4.57
CA ILE A 418 -14.63 13.84 -3.82
C ILE A 418 -15.19 13.96 -2.43
N PHE A 419 -14.32 13.87 -1.43
CA PHE A 419 -14.73 14.13 -0.04
C PHE A 419 -14.39 15.55 0.35
N GLY A 420 -15.26 16.21 1.10
CA GLY A 420 -15.01 17.59 1.44
C GLY A 420 -14.89 17.82 2.93
N GLY A 421 -14.16 18.86 3.30
CA GLY A 421 -14.08 19.26 4.69
C GLY A 421 -13.94 20.77 4.77
N ARG A 422 -14.00 21.29 5.98
CA ARG A 422 -13.87 22.71 6.20
C ARG A 422 -12.92 22.86 7.38
N ARG A 423 -11.70 23.28 7.08
CA ARG A 423 -10.62 23.39 8.05
C ARG A 423 -9.83 24.66 7.78
N PRO A 424 -9.56 25.47 8.83
CA PRO A 424 -8.85 26.73 8.62
C PRO A 424 -7.36 26.54 8.38
N ARG A 425 -6.81 25.41 8.82
CA ARG A 425 -5.41 25.08 8.55
C ARG A 425 -5.18 23.60 8.32
N GLY A 426 -4.00 23.30 7.79
CA GLY A 426 -3.51 21.92 7.77
C GLY A 426 -3.95 21.07 6.59
N VAL A 427 -5.24 21.07 6.29
CA VAL A 427 -5.75 20.22 5.20
C VAL A 427 -5.74 20.96 3.87
N PRO A 428 -4.97 20.45 2.88
CA PRO A 428 -4.83 21.22 1.64
C PRO A 428 -6.10 21.40 0.81
N LEU A 429 -6.05 22.36 -0.11
CA LEU A 429 -7.12 22.64 -1.04
C LEU A 429 -7.64 21.37 -1.72
N VAL A 430 -6.72 20.55 -2.24
CA VAL A 430 -7.08 19.29 -2.90
C VAL A 430 -5.96 18.25 -2.74
N VAL A 431 -6.34 17.01 -2.48
CA VAL A 431 -5.37 15.92 -2.39
C VAL A 431 -6.02 14.70 -3.04
N GLU A 432 -5.24 13.92 -3.79
CA GLU A 432 -5.71 12.69 -4.38
C GLU A 432 -5.13 11.48 -3.64
N ALA A 433 -5.99 10.49 -3.37
CA ALA A 433 -5.55 9.24 -2.71
C ALA A 433 -4.59 8.49 -3.58
N PHE A 434 -3.71 7.70 -2.95
CA PHE A 434 -2.74 6.87 -3.68
C PHE A 434 -3.37 5.62 -4.28
N GLY A 435 -4.55 5.25 -3.77
CA GLY A 435 -5.28 4.06 -4.27
C GLY A 435 -6.60 3.94 -3.54
N TRP A 436 -7.35 2.86 -3.84
CA TRP A 436 -8.71 2.71 -3.32
C TRP A 436 -8.80 2.65 -1.79
N ARG A 437 -8.00 1.79 -1.16
CA ARG A 437 -8.03 1.65 0.31
C ARG A 437 -7.63 2.96 0.98
N HIS A 438 -6.63 3.64 0.42
CA HIS A 438 -6.23 4.96 0.95
C HIS A 438 -7.38 5.98 0.84
N GLY A 439 -8.09 5.93 -0.29
CA GLY A 439 -9.26 6.81 -0.48
C GLY A 439 -10.40 6.51 0.49
N VAL A 440 -10.65 5.24 0.77
CA VAL A 440 -11.67 4.87 1.77
C VAL A 440 -11.30 5.41 3.16
N PHE A 441 -10.01 5.31 3.48
CA PHE A 441 -9.52 5.94 4.71
C PHE A 441 -9.80 7.44 4.73
N MET A 442 -9.50 8.14 3.64
CA MET A 442 -9.79 9.58 3.56
C MET A 442 -11.26 9.87 3.84
N GLY A 443 -12.16 9.10 3.22
CA GLY A 443 -13.60 9.29 3.45
C GLY A 443 -13.95 9.04 4.91
N SER A 444 -13.32 8.02 5.50
CA SER A 444 -13.57 7.65 6.91
C SER A 444 -13.12 8.73 7.86
N ALA A 445 -12.17 9.54 7.41
CA ALA A 445 -11.49 10.54 8.26
C ALA A 445 -12.10 11.96 8.13
N MET A 446 -13.16 12.09 7.34
CA MET A 446 -13.84 13.39 7.16
C MET A 446 -14.32 14.03 8.47
N ARG A 447 -14.25 15.36 8.52
CA ARG A 447 -14.71 16.10 9.70
C ARG A 447 -15.82 17.09 9.36
N SER A 448 -16.59 17.51 10.37
CA SER A 448 -17.65 18.50 10.18
C SER A 448 -17.63 19.52 11.32
N LEU A 461 -14.11 19.42 16.75
CA LEU A 461 -14.60 19.15 15.40
C LEU A 461 -15.17 17.75 15.32
N MET A 462 -16.42 17.64 14.86
CA MET A 462 -17.11 16.36 14.74
CA MET A 462 -17.09 16.36 14.76
C MET A 462 -16.58 15.56 13.56
N HIS A 463 -16.56 14.25 13.72
CA HIS A 463 -16.18 13.37 12.63
C HIS A 463 -17.44 13.02 11.84
N ASP A 464 -17.35 13.00 10.51
CA ASP A 464 -18.54 12.71 9.69
C ASP A 464 -18.11 11.81 8.53
N PRO A 465 -17.81 10.53 8.85
CA PRO A 465 -17.28 9.66 7.79
C PRO A 465 -18.23 9.56 6.61
N PHE A 466 -17.69 9.85 5.42
CA PHE A 466 -18.46 9.84 4.15
C PHE A 466 -19.71 10.73 4.17
N ALA A 467 -19.73 11.74 5.05
CA ALA A 467 -20.93 12.55 5.26
C ALA A 467 -22.18 11.71 5.65
N MET A 468 -21.95 10.53 6.21
CA MET A 468 -23.04 9.60 6.49
C MET A 468 -23.36 9.48 7.99
N ARG A 469 -22.71 10.29 8.84
CA ARG A 469 -22.82 10.04 10.27
C ARG A 469 -24.27 9.89 10.79
N PRO A 470 -25.18 10.82 10.40
CA PRO A 470 -26.57 10.75 10.89
C PRO A 470 -27.45 9.76 10.12
N PHE A 471 -26.88 9.10 9.13
CA PHE A 471 -27.65 8.39 8.11
C PHE A 471 -27.25 6.93 7.89
N PHE A 472 -26.43 6.36 8.76
CA PHE A 472 -26.12 4.94 8.57
C PHE A 472 -27.35 4.07 8.76
N GLY A 473 -27.47 3.04 7.90
CA GLY A 473 -28.60 2.11 7.98
C GLY A 473 -28.21 0.77 8.59
N TYR A 474 -26.91 0.63 8.90
CA TYR A 474 -26.33 -0.58 9.45
C TYR A 474 -24.94 -0.25 10.00
N ASN A 475 -24.33 -1.24 10.65
CA ASN A 475 -23.07 -1.02 11.37
C ASN A 475 -22.07 -0.24 10.52
N ALA A 476 -21.67 0.96 10.96
CA ALA A 476 -20.78 1.85 10.20
C ALA A 476 -19.44 1.19 9.87
N GLY A 477 -18.96 0.33 10.74
CA GLY A 477 -17.72 -0.43 10.42
C GLY A 477 -17.93 -1.36 9.23
N ARG A 478 -19.09 -2.01 9.17
CA ARG A 478 -19.41 -2.89 8.04
C ARG A 478 -19.67 -2.07 6.77
N TYR A 479 -20.11 -0.83 6.94
CA TYR A 479 -20.24 0.08 5.80
C TYR A 479 -18.85 0.35 5.20
N LEU A 480 -17.88 0.62 6.05
CA LEU A 480 -16.50 0.82 5.57
C LEU A 480 -16.00 -0.46 4.89
N GLU A 481 -16.29 -1.61 5.50
CA GLU A 481 -15.93 -2.90 4.88
C GLU A 481 -16.59 -3.03 3.51
N HIS A 482 -17.85 -2.59 3.39
CA HIS A 482 -18.54 -2.69 2.09
C HIS A 482 -17.87 -1.82 1.00
N TRP A 483 -17.43 -0.62 1.39
CA TRP A 483 -16.64 0.22 0.48
C TRP A 483 -15.32 -0.44 0.06
N LEU A 484 -14.67 -1.10 1.01
CA LEU A 484 -13.40 -1.78 0.67
C LEU A 484 -13.66 -2.91 -0.32
N SER A 485 -14.68 -3.72 -0.02
CA SER A 485 -15.00 -4.88 -0.87
CA SER A 485 -15.05 -4.87 -0.87
C SER A 485 -15.38 -4.44 -2.29
N THR A 486 -16.08 -3.31 -2.40
CA THR A 486 -16.51 -2.74 -3.68
C THR A 486 -15.33 -2.51 -4.60
N GLY A 487 -14.20 -2.09 -4.01
CA GLY A 487 -12.97 -1.86 -4.80
C GLY A 487 -12.33 -3.12 -5.34
N LEU A 488 -12.75 -4.27 -4.84
CA LEU A 488 -12.22 -5.56 -5.31
C LEU A 488 -12.93 -6.11 -6.53
N ARG A 489 -14.01 -5.47 -6.98
CA ARG A 489 -14.74 -5.98 -8.15
C ARG A 489 -13.83 -6.14 -9.37
N SER A 490 -13.77 -7.33 -9.96
CA SER A 490 -12.87 -7.53 -11.10
C SER A 490 -13.24 -6.64 -12.28
N ASN A 491 -12.22 -6.04 -12.89
CA ASN A 491 -12.33 -5.18 -14.08
C ASN A 491 -13.11 -3.88 -13.88
N ALA A 492 -13.37 -3.54 -12.61
CA ALA A 492 -14.00 -2.27 -12.24
C ALA A 492 -13.10 -1.09 -12.65
N ARG A 493 -13.74 -0.06 -13.22
CA ARG A 493 -13.05 1.19 -13.51
C ARG A 493 -13.31 2.10 -12.33
N LEU A 494 -12.51 1.93 -11.27
CA LEU A 494 -12.76 2.61 -10.01
C LEU A 494 -12.51 4.09 -10.21
N PRO A 495 -13.45 4.93 -9.73
CA PRO A 495 -13.18 6.35 -9.77
C PRO A 495 -11.98 6.68 -8.88
N ARG A 496 -11.27 7.72 -9.26
CA ARG A 496 -10.22 8.25 -8.42
C ARG A 496 -10.85 9.00 -7.24
N LEU A 497 -10.18 8.98 -6.10
CA LEU A 497 -10.74 9.54 -4.85
C LEU A 497 -9.93 10.73 -4.39
N PHE A 498 -10.63 11.81 -3.98
CA PHE A 498 -9.97 13.07 -3.60
C PHE A 498 -10.56 13.62 -2.30
N HIS A 499 -9.81 14.49 -1.64
CA HIS A 499 -10.37 15.23 -0.53
C HIS A 499 -10.10 16.69 -0.84
N VAL A 500 -11.10 17.54 -0.61
CA VAL A 500 -10.96 18.99 -0.84
C VAL A 500 -11.27 19.80 0.41
N ASN A 501 -10.70 21.00 0.46
CA ASN A 501 -10.97 21.95 1.52
C ASN A 501 -10.95 23.37 0.98
N TRP A 502 -12.12 23.98 0.83
CA TRP A 502 -12.22 25.35 0.30
C TRP A 502 -11.85 26.43 1.32
N PHE A 503 -11.61 26.05 2.58
CA PHE A 503 -11.74 27.02 3.68
C PHE A 503 -10.51 27.36 4.52
N LEU A 504 -9.32 27.10 3.99
CA LEU A 504 -8.07 27.49 4.65
C LEU A 504 -8.01 29.00 4.86
N ARG A 505 -7.42 29.39 5.98
CA ARG A 505 -7.26 30.82 6.32
C ARG A 505 -5.81 31.24 6.31
N ASP A 506 -5.56 32.52 5.98
CA ASP A 506 -4.17 33.03 5.87
C ASP A 506 -3.65 33.53 7.22
N ASN A 507 -2.40 34.02 7.24
CA ASN A 507 -1.79 34.58 8.46
C ASN A 507 -2.35 35.97 8.79
N GLU A 508 -3.62 36.16 8.47
CA GLU A 508 -4.37 37.38 8.74
C GLU A 508 -5.84 37.03 9.01
N GLY A 509 -6.16 35.75 8.96
CA GLY A 509 -7.50 35.23 9.29
C GLY A 509 -8.55 35.22 8.18
N ARG A 510 -8.14 35.51 6.94
CA ARG A 510 -9.07 35.51 5.81
C ARG A 510 -8.84 34.29 4.90
N PHE A 511 -9.81 33.99 4.02
CA PHE A 511 -9.71 32.79 3.17
C PHE A 511 -8.61 32.90 2.12
N VAL A 512 -7.78 31.86 2.04
CA VAL A 512 -6.73 31.77 1.03
C VAL A 512 -7.33 31.57 -0.37
N TRP A 513 -8.38 30.76 -0.44
CA TRP A 513 -9.04 30.38 -1.70
C TRP A 513 -10.37 31.13 -1.86
N PRO A 514 -10.60 31.74 -3.05
CA PRO A 514 -11.82 32.52 -3.31
C PRO A 514 -13.10 31.69 -3.40
N GLY A 515 -12.96 30.41 -3.70
CA GLY A 515 -14.11 29.52 -3.76
C GLY A 515 -15.13 29.88 -4.81
N PHE A 516 -16.37 29.45 -4.56
CA PHE A 516 -17.47 29.64 -5.50
C PHE A 516 -17.06 29.17 -6.90
N GLY A 517 -17.30 29.97 -7.94
CA GLY A 517 -16.98 29.54 -9.31
C GLY A 517 -15.53 29.14 -9.55
N HIS A 518 -14.62 29.66 -8.74
CA HIS A 518 -13.20 29.31 -8.85
C HIS A 518 -12.94 27.86 -8.45
N ASN A 519 -13.89 27.25 -7.75
CA ASN A 519 -13.77 25.83 -7.46
C ASN A 519 -13.69 24.99 -8.75
N ALA A 520 -14.14 25.53 -9.88
CA ALA A 520 -13.96 24.84 -11.17
C ALA A 520 -12.48 24.58 -11.52
N ARG A 521 -11.57 25.43 -11.02
CA ARG A 521 -10.11 25.24 -11.21
C ARG A 521 -9.64 23.92 -10.59
N VAL A 522 -10.18 23.60 -9.41
CA VAL A 522 -9.89 22.32 -8.73
C VAL A 522 -10.51 21.17 -9.52
N LEU A 523 -11.77 21.31 -9.94
CA LEU A 523 -12.41 20.28 -10.79
C LEU A 523 -11.65 20.05 -12.11
N ALA A 524 -11.08 21.11 -12.68
CA ALA A 524 -10.29 20.99 -13.91
C ALA A 524 -9.04 20.14 -13.68
N TRP A 525 -8.38 20.36 -12.54
CA TRP A 525 -7.19 19.55 -12.19
C TRP A 525 -7.59 18.09 -12.03
N ILE A 526 -8.64 17.86 -11.24
CA ILE A 526 -9.24 16.51 -11.08
C ILE A 526 -9.54 15.86 -12.43
N PHE A 527 -10.19 16.63 -13.30
CA PHE A 527 -10.51 16.22 -14.69
C PHE A 527 -9.26 15.70 -15.42
N GLY A 528 -8.16 16.46 -15.35
CA GLY A 528 -6.89 16.03 -15.94
C GLY A 528 -6.31 14.77 -15.33
N ARG A 529 -6.43 14.63 -14.00
CA ARG A 529 -5.96 13.43 -13.30
C ARG A 529 -6.75 12.20 -13.75
N ILE A 530 -8.06 12.35 -13.96
CA ILE A 530 -8.90 11.28 -14.53
C ILE A 530 -8.34 10.79 -15.87
N GLN A 531 -7.88 11.73 -16.68
CA GLN A 531 -7.35 11.46 -18.01
C GLN A 531 -5.95 10.88 -17.97
N GLY A 532 -5.38 10.75 -16.79
CA GLY A 532 -4.04 10.20 -16.63
C GLY A 532 -2.89 11.20 -16.79
N ARG A 533 -3.20 12.48 -16.68
CA ARG A 533 -2.18 13.51 -16.84
C ARG A 533 -1.16 13.51 -15.71
N ASP A 534 0.09 13.82 -16.06
CA ASP A 534 1.22 13.82 -15.14
C ASP A 534 1.34 15.19 -14.49
N THR A 535 0.37 15.49 -13.63
CA THR A 535 0.21 16.85 -13.10
C THR A 535 0.22 16.87 -11.57
N ALA A 536 0.82 15.86 -10.95
CA ALA A 536 0.83 15.74 -9.50
C ALA A 536 2.21 15.49 -8.92
N ARG A 537 2.39 15.88 -7.66
CA ARG A 537 3.62 15.57 -6.94
C ARG A 537 3.24 14.84 -5.63
N PRO A 538 4.09 13.90 -5.18
CA PRO A 538 3.69 13.14 -4.00
C PRO A 538 3.98 13.86 -2.70
N THR A 539 3.13 13.61 -1.70
CA THR A 539 3.32 14.14 -0.35
C THR A 539 2.95 13.05 0.63
N PRO A 540 3.26 13.24 1.93
CA PRO A 540 2.86 12.26 2.95
C PRO A 540 1.35 11.94 2.99
N ILE A 541 0.52 12.85 2.48
CA ILE A 541 -0.91 12.66 2.60
C ILE A 541 -1.58 12.24 1.30
N GLY A 542 -0.83 12.26 0.19
CA GLY A 542 -1.37 11.87 -1.13
C GLY A 542 -0.76 12.70 -2.23
N TRP A 543 -1.35 12.61 -3.43
CA TRP A 543 -0.87 13.45 -4.54
C TRP A 543 -1.48 14.83 -4.41
N VAL A 544 -0.70 15.85 -4.74
CA VAL A 544 -1.21 17.21 -4.86
C VAL A 544 -0.80 17.78 -6.23
N PRO A 545 -1.47 18.84 -6.71
CA PRO A 545 -1.04 19.43 -7.99
C PRO A 545 0.38 19.98 -7.88
N LYS A 546 1.18 19.78 -8.92
CA LYS A 546 2.46 20.47 -9.04
C LYS A 546 2.13 21.96 -9.11
N GLU A 547 3.02 22.81 -8.60
CA GLU A 547 2.79 24.23 -8.74
C GLU A 547 2.81 24.57 -10.23
N GLY A 548 1.77 25.28 -10.68
CA GLY A 548 1.63 25.57 -12.10
C GLY A 548 0.68 24.67 -12.86
N ASP A 549 0.35 23.49 -12.29
CA ASP A 549 -0.63 22.58 -12.91
C ASP A 549 -2.03 22.77 -12.31
N LEU A 550 -2.12 23.64 -11.32
CA LEU A 550 -3.42 24.12 -10.88
C LEU A 550 -3.53 25.51 -11.48
N ASP A 551 -4.60 25.76 -12.23
CA ASP A 551 -4.72 27.02 -12.96
C ASP A 551 -5.05 28.15 -12.01
N LEU A 552 -4.07 29.01 -11.79
CA LEU A 552 -4.21 30.20 -10.95
C LEU A 552 -4.15 31.50 -11.77
N GLY A 553 -4.14 31.36 -13.09
CA GLY A 553 -4.15 32.50 -14.01
C GLY A 553 -5.49 33.21 -13.88
N GLY A 554 -5.44 34.51 -13.61
CA GLY A 554 -6.63 35.29 -13.30
C GLY A 554 -6.90 35.37 -11.81
N LEU A 555 -6.04 34.72 -11.02
CA LEU A 555 -6.09 34.84 -9.56
C LEU A 555 -4.78 35.39 -8.98
N PRO A 556 -4.41 36.65 -9.34
CA PRO A 556 -3.17 37.20 -8.82
C PRO A 556 -3.25 37.36 -7.31
N GLY A 557 -2.16 37.03 -6.62
CA GLY A 557 -2.11 37.19 -5.18
C GLY A 557 -2.46 35.93 -4.41
N VAL A 558 -3.07 34.95 -5.09
CA VAL A 558 -3.35 33.66 -4.47
C VAL A 558 -2.04 32.88 -4.36
N ASP A 559 -1.72 32.46 -3.14
CA ASP A 559 -0.42 31.88 -2.80
C ASP A 559 -0.57 30.36 -2.75
N TYR A 560 0.02 29.70 -3.74
CA TYR A 560 -0.01 28.25 -3.82
C TYR A 560 0.47 27.59 -2.52
N SER A 561 1.51 28.15 -1.89
CA SER A 561 2.09 27.53 -0.69
CA SER A 561 2.10 27.54 -0.68
C SER A 561 1.15 27.50 0.50
N GLN A 562 0.22 28.46 0.54
CA GLN A 562 -0.77 28.49 1.61
C GLN A 562 -1.98 27.61 1.29
N LEU A 563 -2.16 27.27 0.01
CA LEU A 563 -3.16 26.26 -0.40
C LEU A 563 -2.70 24.84 -0.13
N PHE A 564 -1.39 24.63 -0.09
CA PHE A 564 -0.84 23.28 0.05
C PHE A 564 0.13 23.22 1.22
N PRO A 565 -0.37 23.51 2.44
CA PRO A 565 0.49 23.39 3.60
C PRO A 565 0.86 21.92 3.80
N MET A 566 2.06 21.69 4.36
CA MET A 566 2.53 20.36 4.71
C MET A 566 3.13 20.41 6.10
N GLU A 567 2.24 20.44 7.08
CA GLU A 567 2.60 20.77 8.46
C GLU A 567 2.67 19.51 9.31
N LYS A 568 3.87 19.12 9.73
CA LYS A 568 4.06 17.88 10.50
C LYS A 568 3.28 17.86 11.82
N GLY A 569 3.31 18.98 12.53
CA GLY A 569 2.60 19.11 13.79
C GLY A 569 1.10 18.90 13.64
N PHE A 570 0.54 19.44 12.55
CA PHE A 570 -0.88 19.31 12.29
C PHE A 570 -1.25 17.86 12.08
N TRP A 571 -0.45 17.17 11.27
CA TRP A 571 -0.75 15.76 10.93
C TRP A 571 -0.51 14.83 12.11
N GLU A 572 0.49 15.13 12.96
CA GLU A 572 0.66 14.33 14.17
C GLU A 572 -0.58 14.42 15.07
N GLU A 573 -1.17 15.62 15.17
CA GLU A 573 -2.38 15.81 15.99
C GLU A 573 -3.57 15.15 15.30
N GLU A 574 -3.62 15.26 13.98
CA GLU A 574 -4.74 14.69 13.23
C GLU A 574 -4.76 13.17 13.41
N CYS A 575 -3.59 12.54 13.41
CA CYS A 575 -3.48 11.09 13.59
C CYS A 575 -3.86 10.68 15.02
N ARG A 576 -3.47 11.46 16.01
CA ARG A 576 -3.84 11.18 17.40
C ARG A 576 -5.36 11.20 17.54
N GLN A 577 -5.99 12.23 16.97
CA GLN A 577 -7.43 12.40 17.03
C GLN A 577 -8.17 11.26 16.33
N LEU A 578 -7.67 10.87 15.15
CA LEU A 578 -8.30 9.77 14.38
C LEU A 578 -8.17 8.45 15.12
N ARG A 579 -7.02 8.24 15.73
CA ARG A 579 -6.79 7.01 16.46
C ARG A 579 -7.77 6.90 17.62
N GLU A 580 -7.97 8.01 18.33
CA GLU A 580 -8.91 8.01 19.45
C GLU A 580 -10.35 7.82 18.93
N TYR A 581 -10.66 8.52 17.83
CA TYR A 581 -11.99 8.44 17.22
C TYR A 581 -12.35 7.02 16.80
N TYR A 582 -11.43 6.37 16.08
CA TYR A 582 -11.68 5.00 15.64
C TYR A 582 -11.81 4.06 16.84
N GLY A 583 -10.93 4.25 17.81
CA GLY A 583 -10.87 3.37 18.98
C GLY A 583 -12.17 3.41 19.77
N GLU A 584 -12.66 4.62 19.99
CA GLU A 584 -13.86 4.79 20.79
C GLU A 584 -15.12 4.39 20.02
N ASN A 585 -15.19 4.74 18.75
CA ASN A 585 -16.47 4.70 18.04
C ASN A 585 -16.67 3.46 17.16
N PHE A 586 -15.58 2.87 16.69
CA PHE A 586 -15.66 1.69 15.82
C PHE A 586 -15.13 0.45 16.52
N GLY A 587 -14.07 0.64 17.30
CA GLY A 587 -13.41 -0.47 17.98
C GLY A 587 -13.07 -1.59 17.01
N ALA A 588 -13.41 -2.81 17.41
CA ALA A 588 -13.09 -4.03 16.63
C ALA A 588 -13.88 -4.11 15.33
N ASP A 589 -14.89 -3.24 15.18
CA ASP A 589 -15.66 -3.19 13.92
C ASP A 589 -15.00 -2.35 12.82
N LEU A 590 -13.93 -1.66 13.16
CA LEU A 590 -13.15 -0.97 12.14
C LEU A 590 -12.42 -1.99 11.27
N PRO A 591 -12.58 -1.91 9.94
CA PRO A 591 -11.82 -2.82 9.09
C PRO A 591 -10.30 -2.63 9.26
N ARG A 592 -9.59 -3.75 9.25
CA ARG A 592 -8.14 -3.74 9.36
C ARG A 592 -7.50 -2.80 8.33
N ASP A 593 -8.02 -2.79 7.11
CA ASP A 593 -7.43 -1.91 6.07
C ASP A 593 -7.49 -0.42 6.43
N VAL A 594 -8.48 -0.01 7.21
CA VAL A 594 -8.57 1.39 7.58
C VAL A 594 -7.49 1.72 8.62
N MET A 595 -7.36 0.85 9.62
CA MET A 595 -6.30 1.01 10.63
C MET A 595 -4.93 1.01 9.95
N ALA A 596 -4.76 0.16 8.94
CA ALA A 596 -3.49 0.05 8.24
C ALA A 596 -3.16 1.36 7.53
N GLU A 597 -4.19 2.02 6.99
CA GLU A 597 -3.99 3.33 6.36
C GLU A 597 -3.60 4.41 7.39
N LEU A 598 -4.20 4.36 8.58
CA LEU A 598 -3.79 5.31 9.64
C LEU A 598 -2.33 5.07 10.03
N GLU A 599 -1.99 3.80 10.25
CA GLU A 599 -0.60 3.43 10.59
C GLU A 599 0.36 3.90 9.49
N GLY A 600 -0.05 3.78 8.23
CA GLY A 600 0.80 4.21 7.13
C GLY A 600 1.05 5.71 7.18
N LEU A 601 -0.03 6.47 7.36
CA LEU A 601 0.04 7.91 7.47
C LEU A 601 0.93 8.30 8.65
N GLU A 602 0.75 7.66 9.81
CA GLU A 602 1.61 7.91 10.98
C GLU A 602 3.11 7.75 10.68
N GLU A 603 3.44 6.68 9.96
CA GLU A 603 4.82 6.42 9.61
C GLU A 603 5.38 7.43 8.59
N ARG A 604 4.59 7.83 7.60
CA ARG A 604 5.03 8.83 6.62
C ARG A 604 5.20 10.19 7.29
N VAL A 605 4.30 10.50 8.22
CA VAL A 605 4.37 11.75 9.01
C VAL A 605 5.63 11.78 9.89
N ARG A 606 5.96 10.65 10.50
CA ARG A 606 7.16 10.49 11.33
C ARG A 606 8.42 10.88 10.57
N LYS A 607 8.46 10.56 9.28
CA LYS A 607 9.64 10.79 8.44
C LYS A 607 9.65 12.18 7.78
N MET A 608 8.61 12.98 8.00
CA MET A 608 8.46 14.26 7.30
C MET A 608 9.04 15.46 8.04
N LEU B 1 53.95 -20.56 11.46
CA LEU B 1 53.63 -21.87 12.10
C LEU B 1 54.53 -22.11 13.29
N SER B 2 53.92 -22.39 14.44
CA SER B 2 54.69 -22.67 15.66
C SER B 2 53.94 -23.61 16.60
N THR B 3 54.69 -24.45 17.31
CA THR B 3 54.12 -25.35 18.32
C THR B 3 53.82 -24.64 19.65
N SER B 4 54.32 -23.41 19.79
CA SER B 4 54.09 -22.58 20.96
C SER B 4 52.73 -21.91 20.86
N LEU B 5 51.85 -22.22 21.80
CA LEU B 5 50.49 -21.68 21.79
C LEU B 5 50.30 -20.53 22.81
N SER B 6 51.40 -20.10 23.43
CA SER B 6 51.38 -19.10 24.50
C SER B 6 50.66 -17.80 24.13
N ALA B 7 50.74 -17.45 22.85
CA ALA B 7 50.15 -16.23 22.31
C ALA B 7 48.61 -16.19 22.35
N LEU B 8 47.97 -17.37 22.31
CA LEU B 8 46.51 -17.43 22.33
C LEU B 8 45.94 -17.07 23.69
N PRO B 9 44.86 -16.27 23.72
CA PRO B 9 44.20 -15.98 25.00
C PRO B 9 43.49 -17.24 25.53
N ALA B 10 43.14 -17.19 26.82
CA ALA B 10 42.57 -18.34 27.53
C ALA B 10 41.43 -19.03 26.78
N ALA B 11 40.47 -18.23 26.31
CA ALA B 11 39.28 -18.77 25.64
C ALA B 11 39.63 -19.50 24.36
N ALA B 12 40.48 -18.88 23.53
CA ALA B 12 40.95 -19.53 22.30
C ALA B 12 41.74 -20.80 22.61
N ARG B 13 42.60 -20.75 23.62
CA ARG B 13 43.38 -21.91 24.04
C ARG B 13 42.47 -23.08 24.48
N ASP B 14 41.39 -22.75 25.19
CA ASP B 14 40.42 -23.75 25.64
C ASP B 14 39.72 -24.43 24.47
N PHE B 15 39.32 -23.66 23.46
CA PHE B 15 38.69 -24.22 22.24
C PHE B 15 39.63 -25.20 21.51
N VAL B 16 40.87 -24.77 21.33
CA VAL B 16 41.91 -25.57 20.71
C VAL B 16 42.10 -26.89 21.48
N GLU B 17 42.24 -26.81 22.79
CA GLU B 17 42.40 -28.02 23.60
C GLU B 17 41.20 -28.98 23.53
N GLU B 18 39.99 -28.42 23.50
CA GLU B 18 38.78 -29.21 23.28
C GLU B 18 38.88 -29.96 21.95
N ALA B 19 39.29 -29.25 20.90
CA ALA B 19 39.44 -29.83 19.57
C ALA B 19 40.53 -30.90 19.53
N VAL B 20 41.63 -30.64 20.24
CA VAL B 20 42.74 -31.61 20.38
C VAL B 20 42.29 -32.91 21.06
N ARG B 21 41.59 -32.79 22.19
CA ARG B 21 41.09 -33.98 22.90
C ARG B 21 40.17 -34.82 22.01
N LEU B 22 39.38 -34.14 21.18
CA LEU B 22 38.40 -34.80 20.32
C LEU B 22 39.04 -35.43 19.09
N CYS B 23 39.77 -34.61 18.33
CA CYS B 23 40.28 -35.02 17.03
C CYS B 23 41.57 -35.81 17.07
N ARG B 24 42.32 -35.68 18.17
CA ARG B 24 43.58 -36.43 18.39
C ARG B 24 44.65 -36.21 17.31
N PRO B 25 45.02 -34.93 17.05
CA PRO B 25 46.06 -34.65 16.05
C PRO B 25 47.45 -35.05 16.52
N ARG B 26 48.37 -35.17 15.57
CA ARG B 26 49.76 -35.53 15.84
C ARG B 26 50.51 -34.39 16.52
N GLU B 27 50.23 -33.17 16.06
CA GLU B 27 50.85 -31.95 16.59
C GLU B 27 49.88 -30.79 16.42
N VAL B 28 50.14 -29.68 17.13
CA VAL B 28 49.30 -28.50 17.06
C VAL B 28 50.17 -27.31 16.64
N LEU B 29 49.73 -26.62 15.59
CA LEU B 29 50.49 -25.49 15.04
C LEU B 29 49.65 -24.23 15.01
N LEU B 30 50.18 -23.18 15.61
CA LEU B 30 49.55 -21.87 15.56
C LEU B 30 50.04 -21.11 14.31
N CYS B 31 49.10 -20.60 13.52
CA CYS B 31 49.45 -19.85 12.34
C CYS B 31 49.65 -18.38 12.65
N ASP B 32 50.66 -17.77 12.03
CA ASP B 32 50.97 -16.36 12.31
C ASP B 32 50.68 -15.39 11.16
N GLY B 33 50.29 -15.93 10.00
CA GLY B 33 49.95 -15.10 8.84
C GLY B 33 51.15 -14.52 8.08
N SER B 34 52.36 -14.93 8.46
CA SER B 34 53.60 -14.43 7.87
C SER B 34 53.88 -14.92 6.45
N GLU B 35 54.77 -14.22 5.75
CA GLU B 35 55.19 -14.64 4.40
C GLU B 35 55.92 -15.98 4.46
N GLU B 36 56.82 -16.12 5.44
CA GLU B 36 57.56 -17.37 5.69
C GLU B 36 56.60 -18.55 5.88
N GLU B 37 55.54 -18.33 6.64
CA GLU B 37 54.54 -19.35 6.84
C GLU B 37 53.90 -19.72 5.50
N GLY B 38 53.56 -18.72 4.71
CA GLY B 38 52.96 -18.95 3.39
C GLY B 38 53.84 -19.83 2.52
N LYS B 39 55.14 -19.53 2.51
CA LYS B 39 56.10 -20.32 1.73
C LYS B 39 56.19 -21.75 2.21
N GLU B 40 56.18 -21.94 3.52
CA GLU B 40 56.19 -23.31 4.06
C GLU B 40 54.91 -24.07 3.73
N LEU B 41 53.75 -23.40 3.79
CA LEU B 41 52.48 -24.06 3.45
C LEU B 41 52.50 -24.51 1.98
N LEU B 42 52.95 -23.62 1.11
CA LEU B 42 53.10 -23.94 -0.32
C LEU B 42 54.03 -25.13 -0.53
N ARG B 43 55.19 -25.11 0.16
CA ARG B 43 56.17 -26.20 0.02
C ARG B 43 55.57 -27.55 0.38
N GLY B 44 54.90 -27.62 1.52
CA GLY B 44 54.29 -28.88 1.96
C GLY B 44 53.21 -29.37 1.01
N LEU B 45 52.39 -28.43 0.54
CA LEU B 45 51.31 -28.75 -0.38
C LEU B 45 51.84 -29.29 -1.71
N GLN B 46 52.90 -28.66 -2.22
CA GLN B 46 53.55 -29.13 -3.44
C GLN B 46 54.16 -30.50 -3.20
N ASP B 47 54.78 -30.67 -2.04
CA ASP B 47 55.40 -31.95 -1.68
C ASP B 47 54.36 -33.06 -1.58
N ASP B 48 53.17 -32.71 -1.06
CA ASP B 48 52.06 -33.65 -0.89
C ASP B 48 51.41 -33.98 -2.22
N GLY B 49 51.71 -33.21 -3.26
CA GLY B 49 51.10 -33.45 -4.57
C GLY B 49 49.77 -32.72 -4.73
N VAL B 50 49.44 -31.89 -3.74
CA VAL B 50 48.20 -31.10 -3.79
C VAL B 50 48.35 -29.93 -4.76
N LEU B 51 49.45 -29.21 -4.63
CA LEU B 51 49.63 -28.02 -5.47
C LEU B 51 50.71 -28.24 -6.54
N HIS B 52 50.44 -27.64 -7.71
CA HIS B 52 51.35 -27.68 -8.84
C HIS B 52 51.67 -26.24 -9.18
N PRO B 53 52.97 -25.92 -9.32
CA PRO B 53 53.30 -24.53 -9.61
C PRO B 53 52.90 -24.19 -11.04
N LEU B 54 52.67 -22.90 -11.29
CA LEU B 54 52.30 -22.43 -12.62
C LEU B 54 53.38 -21.46 -13.06
N PRO B 55 54.51 -21.97 -13.57
CA PRO B 55 55.71 -21.12 -13.79
C PRO B 55 55.52 -19.97 -14.78
N LYS B 56 54.44 -19.98 -15.57
CA LYS B 56 54.14 -18.88 -16.51
C LYS B 56 53.82 -17.59 -15.75
N TYR B 57 53.40 -17.74 -14.51
CA TYR B 57 52.97 -16.59 -13.72
C TYR B 57 53.91 -16.39 -12.54
N ASP B 58 53.64 -15.34 -11.79
CA ASP B 58 54.36 -15.03 -10.56
C ASP B 58 53.65 -15.63 -9.33
N ASN B 59 54.21 -16.71 -8.80
CA ASN B 59 53.73 -17.34 -7.56
C ASN B 59 52.26 -17.74 -7.63
N CYS B 60 51.90 -18.48 -8.67
CA CYS B 60 50.56 -19.02 -8.81
C CYS B 60 50.63 -20.54 -8.76
N TRP B 61 49.54 -21.17 -8.31
CA TRP B 61 49.55 -22.60 -7.99
C TRP B 61 48.21 -23.20 -8.37
N LEU B 62 48.22 -24.50 -8.71
CA LEU B 62 47.02 -25.23 -9.15
C LEU B 62 46.78 -26.47 -8.30
N ALA B 63 45.56 -26.61 -7.78
CA ALA B 63 45.14 -27.82 -7.09
C ALA B 63 44.05 -28.53 -7.89
N ARG B 64 44.09 -29.87 -7.90
CA ARG B 64 42.95 -30.66 -8.39
C ARG B 64 42.37 -31.41 -7.21
N THR B 65 41.05 -31.49 -7.14
CA THR B 65 40.41 -32.19 -6.04
C THR B 65 39.84 -33.54 -6.48
N ASP B 66 39.47 -34.35 -5.49
CA ASP B 66 38.62 -35.54 -5.69
C ASP B 66 37.34 -35.03 -6.35
N PRO B 67 36.94 -35.63 -7.49
CA PRO B 67 35.70 -35.19 -8.16
C PRO B 67 34.43 -35.30 -7.30
N ARG B 68 34.50 -36.01 -6.18
CA ARG B 68 33.36 -36.06 -5.28
C ARG B 68 33.28 -34.84 -4.38
N ASP B 69 34.33 -34.02 -4.40
CA ASP B 69 34.40 -32.87 -3.50
C ASP B 69 34.70 -31.62 -4.31
N VAL B 70 33.67 -31.06 -4.94
CA VAL B 70 33.86 -29.96 -5.92
C VAL B 70 32.94 -28.73 -5.73
N ALA B 71 32.08 -28.75 -4.71
CA ALA B 71 31.16 -27.64 -4.50
C ALA B 71 30.61 -27.70 -3.10
N ARG B 72 29.98 -26.60 -2.66
CA ARG B 72 29.08 -26.64 -1.48
C ARG B 72 28.02 -27.72 -1.61
N VAL B 73 27.71 -28.38 -0.50
CA VAL B 73 26.71 -29.43 -0.48
C VAL B 73 25.54 -28.97 0.39
N GLU B 74 24.51 -28.42 -0.25
CA GLU B 74 23.39 -27.81 0.46
CA GLU B 74 23.37 -27.81 0.45
C GLU B 74 22.62 -28.80 1.33
N SER B 75 22.39 -30.01 0.82
CA SER B 75 21.64 -31.03 1.56
C SER B 75 22.31 -31.44 2.87
N LYS B 76 23.63 -31.24 2.96
CA LYS B 76 24.40 -31.63 4.13
C LYS B 76 24.84 -30.42 4.97
N THR B 77 24.22 -29.27 4.72
CA THR B 77 24.51 -28.03 5.41
C THR B 77 23.30 -27.80 6.30
N VAL B 78 23.52 -27.55 7.60
CA VAL B 78 22.42 -27.55 8.58
C VAL B 78 22.54 -26.44 9.61
N LEU B 79 21.39 -26.08 10.20
CA LEU B 79 21.29 -25.12 11.27
C LEU B 79 20.87 -25.87 12.52
N VAL B 80 21.67 -25.78 13.58
CA VAL B 80 21.42 -26.54 14.79
C VAL B 80 20.92 -25.61 15.89
N THR B 81 19.64 -25.74 16.25
CA THR B 81 18.99 -24.89 17.25
C THR B 81 18.07 -25.77 18.10
N PRO B 82 17.91 -25.48 19.41
CA PRO B 82 16.97 -26.24 20.25
C PRO B 82 15.53 -26.31 19.71
N GLU B 83 15.05 -25.21 19.12
CA GLU B 83 13.71 -25.17 18.51
C GLU B 83 13.86 -25.09 16.99
N GLN B 84 13.12 -25.93 16.26
CA GLN B 84 13.14 -25.86 14.79
C GLN B 84 12.78 -24.46 14.28
N SER B 85 11.78 -23.85 14.92
CA SER B 85 11.31 -22.49 14.54
C SER B 85 12.36 -21.38 14.65
N ASP B 86 13.42 -21.61 15.44
CA ASP B 86 14.50 -20.61 15.52
C ASP B 86 15.34 -20.62 14.24
N ALA B 87 15.36 -21.77 13.57
CA ALA B 87 16.18 -21.95 12.38
C ALA B 87 15.42 -21.68 11.07
N VAL B 88 14.21 -22.21 10.97
CA VAL B 88 13.45 -22.26 9.72
C VAL B 88 11.94 -22.12 9.99
N PRO B 89 11.17 -21.64 8.99
CA PRO B 89 9.71 -21.64 9.14
C PRO B 89 9.14 -23.07 9.06
N PRO B 90 7.80 -23.23 9.23
CA PRO B 90 7.26 -24.59 9.19
C PRO B 90 7.57 -25.31 7.86
N PRO B 91 7.90 -26.61 7.92
CA PRO B 91 8.04 -27.43 6.71
C PRO B 91 6.84 -27.21 5.76
N PRO B 92 7.09 -27.10 4.43
CA PRO B 92 5.98 -26.90 3.50
C PRO B 92 4.84 -27.89 3.76
N PRO B 93 3.63 -27.36 4.05
CA PRO B 93 2.44 -28.18 4.34
C PRO B 93 2.12 -29.19 3.25
N SER B 94 2.50 -28.89 2.00
CA SER B 94 2.21 -29.77 0.88
C SER B 94 3.17 -30.96 0.78
N GLY B 95 4.22 -30.96 1.60
CA GLY B 95 5.16 -32.07 1.65
C GLY B 95 6.44 -31.83 0.88
N GLY B 96 6.50 -30.70 0.18
CA GLY B 96 7.70 -30.29 -0.55
C GLY B 96 8.91 -30.18 0.37
N PRO B 97 10.12 -30.37 -0.19
CA PRO B 97 11.28 -30.26 0.70
C PRO B 97 11.45 -28.81 1.17
N PRO B 98 11.93 -28.60 2.40
CA PRO B 98 12.23 -27.26 2.90
C PRO B 98 13.28 -26.59 2.00
N GLN B 99 13.12 -25.30 1.73
CA GLN B 99 14.10 -24.62 0.86
C GLN B 99 14.78 -23.39 1.48
N LEU B 100 14.46 -23.08 2.73
CA LEU B 100 14.98 -21.88 3.42
C LEU B 100 15.97 -22.26 4.52
N GLY B 101 16.46 -23.50 4.50
CA GLY B 101 17.41 -23.95 5.50
C GLY B 101 17.06 -25.34 5.98
N ASN B 102 18.07 -26.06 6.47
CA ASN B 102 17.88 -27.42 6.96
C ASN B 102 18.14 -27.48 8.46
N TRP B 103 17.09 -27.67 9.26
CA TRP B 103 17.21 -27.79 10.71
C TRP B 103 17.72 -29.16 11.16
N MET B 104 18.61 -29.16 12.14
CA MET B 104 19.07 -30.39 12.78
C MET B 104 18.97 -30.20 14.28
N SER B 105 18.38 -31.16 14.99
CA SER B 105 18.19 -31.02 16.43
C SER B 105 19.53 -31.11 17.13
N PRO B 106 19.66 -30.48 18.32
CA PRO B 106 20.92 -30.63 19.06
C PRO B 106 21.31 -32.08 19.33
N ASN B 107 20.33 -32.94 19.60
CA ASN B 107 20.60 -34.37 19.82
C ASN B 107 21.14 -35.06 18.57
N ALA B 108 20.49 -34.80 17.42
CA ALA B 108 20.93 -35.40 16.15
C ALA B 108 22.32 -34.94 15.79
N PHE B 109 22.59 -33.66 16.05
CA PHE B 109 23.91 -33.07 15.81
C PHE B 109 25.00 -33.73 16.65
N GLN B 110 24.76 -33.86 17.95
CA GLN B 110 25.76 -34.50 18.82
C GLN B 110 26.08 -35.91 18.39
N ALA B 111 25.03 -36.66 18.01
CA ALA B 111 25.21 -38.02 17.50
C ALA B 111 26.04 -38.03 16.22
N ALA B 112 25.76 -37.09 15.32
CA ALA B 112 26.51 -36.96 14.06
C ALA B 112 27.98 -36.66 14.29
N VAL B 113 28.26 -35.72 15.20
CA VAL B 113 29.63 -35.36 15.59
C VAL B 113 30.37 -36.58 16.18
N GLN B 114 29.71 -37.31 17.08
CA GLN B 114 30.34 -38.42 17.78
C GLN B 114 30.73 -39.56 16.84
N GLU B 115 30.07 -39.65 15.69
CA GLU B 115 30.39 -40.73 14.77
C GLU B 115 31.48 -40.37 13.74
N ARG B 116 31.81 -39.08 13.69
CA ARG B 116 32.70 -38.50 12.67
C ARG B 116 34.02 -38.01 13.26
N PHE B 117 33.95 -37.18 14.31
CA PHE B 117 35.12 -36.43 14.79
C PHE B 117 36.13 -37.16 15.69
N PRO B 118 35.67 -38.08 16.58
CA PRO B 118 36.70 -38.75 17.39
C PRO B 118 37.85 -39.39 16.60
N GLY B 119 39.07 -38.94 16.87
CA GLY B 119 40.26 -39.52 16.23
C GLY B 119 40.45 -39.08 14.78
N CYS B 120 39.63 -38.14 14.30
CA CYS B 120 39.60 -37.81 12.88
C CYS B 120 40.90 -37.19 12.32
N MET B 121 41.70 -36.58 13.20
CA MET B 121 42.98 -36.00 12.79
C MET B 121 44.20 -36.83 13.17
N ALA B 122 43.98 -38.10 13.54
CA ALA B 122 45.09 -39.00 13.88
C ALA B 122 46.20 -38.91 12.83
N GLY B 123 47.42 -38.67 13.29
CA GLY B 123 48.61 -38.65 12.43
C GLY B 123 48.82 -37.34 11.67
N ARG B 124 47.90 -36.38 11.85
CA ARG B 124 47.94 -35.09 11.14
C ARG B 124 48.22 -33.90 12.06
N PRO B 125 48.86 -32.84 11.52
CA PRO B 125 48.88 -31.58 12.29
C PRO B 125 47.50 -30.93 12.34
N LEU B 126 47.15 -30.39 13.51
CA LEU B 126 46.02 -29.48 13.66
C LEU B 126 46.57 -28.06 13.54
N TYR B 127 46.00 -27.28 12.63
CA TYR B 127 46.38 -25.87 12.42
C TYR B 127 45.39 -24.96 13.10
N VAL B 128 45.88 -23.98 13.86
CA VAL B 128 45.01 -22.99 14.51
C VAL B 128 45.10 -21.65 13.78
N ILE B 129 43.96 -21.18 13.24
CA ILE B 129 43.95 -19.96 12.44
C ILE B 129 43.12 -18.89 13.16
N PRO B 130 43.78 -17.97 13.91
CA PRO B 130 42.98 -16.85 14.38
C PRO B 130 42.75 -15.94 13.18
N PHE B 131 41.53 -15.42 13.01
CA PHE B 131 41.25 -14.55 11.86
C PHE B 131 40.20 -13.46 12.13
N SER B 132 40.28 -12.39 11.34
CA SER B 132 39.31 -11.30 11.40
C SER B 132 38.51 -11.24 10.10
N MET B 133 37.20 -11.12 10.27
CA MET B 133 36.29 -10.80 9.19
C MET B 133 36.18 -9.28 9.20
N GLY B 134 36.86 -8.65 8.26
CA GLY B 134 36.93 -7.18 8.22
C GLY B 134 38.27 -6.68 8.73
N PRO B 135 38.62 -5.42 8.42
CA PRO B 135 39.86 -4.88 8.99
C PRO B 135 39.79 -4.98 10.52
N PRO B 136 40.85 -5.51 11.14
CA PRO B 136 40.76 -5.89 12.55
C PRO B 136 40.36 -4.73 13.49
N THR B 137 40.71 -3.50 13.14
CA THR B 137 40.33 -2.33 13.96
C THR B 137 38.92 -1.77 13.65
N SER B 138 38.20 -2.41 12.75
CA SER B 138 36.87 -1.91 12.36
C SER B 138 35.85 -2.16 13.46
N PRO B 139 35.02 -1.15 13.77
CA PRO B 139 33.88 -1.37 14.68
C PRO B 139 32.95 -2.49 14.20
N LEU B 140 33.00 -2.79 12.90
CA LEU B 140 32.11 -3.80 12.34
C LEU B 140 32.80 -5.15 12.18
N ALA B 141 34.10 -5.23 12.49
CA ALA B 141 34.81 -6.52 12.33
C ALA B 141 34.38 -7.54 13.38
N LYS B 142 34.47 -8.82 13.03
CA LYS B 142 34.24 -9.89 13.99
C LYS B 142 35.34 -10.93 13.83
N LEU B 143 35.78 -11.50 14.94
CA LEU B 143 36.87 -12.49 14.92
C LEU B 143 36.38 -13.92 14.97
N GLY B 144 37.24 -14.80 14.47
CA GLY B 144 37.04 -16.24 14.53
C GLY B 144 38.33 -16.95 14.88
N VAL B 145 38.21 -18.19 15.35
CA VAL B 145 39.37 -19.08 15.38
C VAL B 145 38.93 -20.34 14.62
N GLN B 146 39.62 -20.65 13.53
CA GLN B 146 39.37 -21.90 12.80
C GLN B 146 40.48 -22.91 13.06
N VAL B 147 40.11 -24.09 13.56
CA VAL B 147 41.04 -25.22 13.59
C VAL B 147 40.75 -26.12 12.40
N THR B 148 41.82 -26.62 11.80
CA THR B 148 41.71 -27.45 10.59
C THR B 148 42.89 -28.40 10.46
N ASP B 149 42.67 -29.49 9.75
CA ASP B 149 43.76 -30.43 9.40
C ASP B 149 44.15 -30.30 7.93
N SER B 150 43.73 -29.20 7.31
CA SER B 150 44.01 -28.96 5.89
C SER B 150 44.90 -27.75 5.60
N PRO B 151 46.15 -27.99 5.14
CA PRO B 151 47.01 -26.85 4.79
C PRO B 151 46.44 -26.00 3.63
N TYR B 152 45.70 -26.66 2.73
CA TYR B 152 45.01 -25.95 1.63
C TYR B 152 44.07 -24.90 2.22
N VAL B 153 43.34 -25.31 3.26
CA VAL B 153 42.43 -24.40 3.96
C VAL B 153 43.16 -23.22 4.61
N VAL B 154 44.29 -23.52 5.27
CA VAL B 154 45.08 -22.49 5.91
C VAL B 154 45.53 -21.48 4.87
N LEU B 155 46.06 -21.99 3.75
CA LEU B 155 46.57 -21.11 2.70
C LEU B 155 45.47 -20.18 2.18
N SER B 156 44.31 -20.74 1.89
CA SER B 156 43.22 -19.97 1.33
C SER B 156 42.58 -19.05 2.35
N MET B 157 42.55 -19.45 3.61
CA MET B 157 42.03 -18.59 4.67
C MET B 157 42.90 -17.36 4.84
N ARG B 158 44.22 -17.52 4.71
CA ARG B 158 45.14 -16.36 4.74
C ARG B 158 44.83 -15.32 3.66
N ILE B 159 44.44 -15.78 2.46
CA ILE B 159 44.08 -14.90 1.33
C ILE B 159 42.72 -14.24 1.58
N MET B 160 41.77 -15.03 2.12
CA MET B 160 40.36 -14.59 2.19
C MET B 160 39.95 -13.83 3.42
N THR B 161 40.78 -13.87 4.45
CA THR B 161 40.54 -13.17 5.72
C THR B 161 41.84 -12.49 6.19
N ARG B 162 41.78 -11.69 7.26
CA ARG B 162 43.05 -11.25 7.88
C ARG B 162 43.51 -12.23 8.93
N VAL B 163 44.76 -12.66 8.76
CA VAL B 163 45.46 -13.54 9.70
C VAL B 163 46.79 -12.85 10.02
N GLY B 164 47.05 -12.58 11.29
CA GLY B 164 48.31 -11.92 11.64
C GLY B 164 48.31 -11.27 13.00
N PRO B 165 49.43 -10.65 13.39
CA PRO B 165 49.64 -10.07 14.71
C PRO B 165 48.51 -9.14 15.15
N ALA B 166 47.97 -8.36 14.20
CA ALA B 166 46.93 -7.38 14.50
C ALA B 166 45.60 -8.04 14.93
N VAL B 167 45.38 -9.26 14.46
CA VAL B 167 44.22 -10.06 14.87
C VAL B 167 44.47 -10.74 16.22
N LEU B 168 45.59 -11.45 16.32
CA LEU B 168 45.92 -12.22 17.52
C LEU B 168 45.93 -11.38 18.79
N GLN B 169 46.28 -10.10 18.64
CA GLN B 169 46.34 -9.17 19.78
C GLN B 169 44.97 -8.69 20.25
N ARG B 170 43.98 -8.73 19.36
CA ARG B 170 42.61 -8.28 19.65
C ARG B 170 41.74 -9.40 20.19
N LEU B 171 42.19 -10.64 20.03
CA LEU B 171 41.38 -11.79 20.38
C LEU B 171 41.12 -11.93 21.88
N ASP B 172 39.85 -12.05 22.26
CA ASP B 172 39.44 -12.39 23.65
C ASP B 172 38.39 -13.51 23.64
N ASP B 173 37.40 -13.48 24.52
CA ASP B 173 36.36 -14.51 24.50
C ASP B 173 35.41 -14.35 23.32
N ASP B 174 35.39 -13.16 22.74
CA ASP B 174 34.41 -12.83 21.71
C ASP B 174 34.90 -13.26 20.33
N PHE B 175 34.68 -14.53 20.00
CA PHE B 175 35.03 -15.04 18.68
C PHE B 175 34.16 -16.22 18.29
N VAL B 176 34.05 -16.47 17.00
CA VAL B 176 33.31 -17.62 16.50
C VAL B 176 34.25 -18.83 16.46
N ARG B 177 33.80 -19.93 17.10
CA ARG B 177 34.54 -21.19 17.13
C ARG B 177 34.26 -21.98 15.86
N CYS B 178 35.32 -22.24 15.07
CA CYS B 178 35.20 -22.89 13.78
C CYS B 178 36.02 -24.18 13.76
N LEU B 179 35.32 -25.31 13.75
CA LEU B 179 35.96 -26.61 13.79
C LEU B 179 35.84 -27.29 12.42
N HIS B 180 36.98 -27.69 11.87
CA HIS B 180 37.00 -28.29 10.53
C HIS B 180 37.93 -29.49 10.46
N SER B 181 37.43 -30.57 9.89
CA SER B 181 38.31 -31.67 9.52
C SER B 181 37.94 -32.23 8.15
N VAL B 182 38.95 -32.60 7.38
CA VAL B 182 38.70 -33.29 6.10
C VAL B 182 38.22 -34.75 6.27
N GLY B 183 38.41 -35.30 7.47
CA GLY B 183 37.81 -36.60 7.84
C GLY B 183 38.51 -37.81 7.28
N ARG B 184 39.83 -37.75 7.21
CA ARG B 184 40.64 -38.88 6.74
C ARG B 184 41.83 -39.08 7.67
N PRO B 185 41.59 -39.69 8.86
CA PRO B 185 42.69 -39.96 9.79
C PRO B 185 43.70 -40.92 9.19
N LEU B 186 44.95 -40.80 9.63
CA LEU B 186 45.99 -41.74 9.26
C LEU B 186 46.17 -42.83 10.34
N PRO B 187 46.55 -44.07 9.92
CA PRO B 187 46.81 -44.43 8.52
C PRO B 187 45.52 -44.52 7.70
N LEU B 188 45.62 -44.24 6.41
CA LEU B 188 44.49 -44.31 5.48
C LEU B 188 44.12 -45.77 5.22
N THR B 189 42.82 -46.05 5.11
CA THR B 189 42.37 -47.41 4.75
C THR B 189 42.01 -47.52 3.27
N GLU B 190 41.64 -46.40 2.66
CA GLU B 190 41.47 -46.33 1.21
C GLU B 190 42.43 -45.27 0.70
N PRO B 191 42.97 -45.46 -0.52
CA PRO B 191 43.84 -44.43 -1.11
C PRO B 191 43.09 -43.13 -1.39
N LEU B 192 43.82 -42.02 -1.34
CA LEU B 192 43.24 -40.74 -1.74
C LEU B 192 43.04 -40.74 -3.24
N VAL B 193 42.06 -39.98 -3.68
CA VAL B 193 41.95 -39.63 -5.08
C VAL B 193 42.55 -38.24 -5.26
N SER B 194 43.45 -38.13 -6.24
CA SER B 194 44.09 -36.86 -6.59
C SER B 194 44.75 -36.15 -5.39
N SER B 195 45.35 -36.95 -4.50
CA SER B 195 46.02 -36.47 -3.29
C SER B 195 45.15 -35.59 -2.39
N TRP B 196 43.84 -35.78 -2.49
CA TRP B 196 42.87 -34.85 -1.90
C TRP B 196 41.98 -35.54 -0.86
N PRO B 197 42.29 -35.34 0.43
CA PRO B 197 41.49 -35.99 1.48
C PRO B 197 40.12 -35.37 1.68
N CYS B 198 39.14 -36.25 1.82
CA CYS B 198 37.74 -35.90 1.97
C CYS B 198 36.96 -37.15 2.33
N ASP B 199 35.77 -36.98 2.89
CA ASP B 199 34.93 -38.12 3.24
C ASP B 199 33.51 -37.75 2.77
N PRO B 200 33.27 -37.82 1.43
CA PRO B 200 32.09 -37.25 0.79
C PRO B 200 30.76 -37.77 1.31
N SER B 201 30.67 -39.06 1.64
CA SER B 201 29.40 -39.65 2.07
C SER B 201 29.00 -39.17 3.47
N ARG B 202 29.92 -38.51 4.18
CA ARG B 202 29.64 -38.09 5.55
C ARG B 202 29.84 -36.61 5.78
N VAL B 203 29.89 -35.84 4.68
CA VAL B 203 29.98 -34.38 4.79
C VAL B 203 28.86 -33.81 5.69
N LEU B 204 29.24 -32.88 6.55
CA LEU B 204 28.31 -32.18 7.44
C LEU B 204 28.86 -30.79 7.67
N VAL B 205 28.05 -29.78 7.39
CA VAL B 205 28.45 -28.39 7.58
C VAL B 205 27.39 -27.77 8.48
N ALA B 206 27.70 -27.70 9.77
CA ALA B 206 26.72 -27.37 10.79
C ALA B 206 26.97 -26.00 11.40
N HIS B 207 25.88 -25.30 11.70
CA HIS B 207 25.97 -23.96 12.28
C HIS B 207 25.19 -23.96 13.58
N ILE B 208 25.85 -23.54 14.66
CA ILE B 208 25.28 -23.60 16.01
C ILE B 208 25.34 -22.17 16.59
N PRO B 209 24.39 -21.30 16.15
CA PRO B 209 24.45 -19.88 16.55
C PRO B 209 24.43 -19.65 18.05
N SER B 210 23.75 -20.51 18.80
CA SER B 210 23.66 -20.34 20.25
C SER B 210 24.95 -20.68 21.00
N GLU B 211 25.87 -21.35 20.30
CA GLU B 211 27.18 -21.71 20.86
CA GLU B 211 27.17 -21.68 20.88
C GLU B 211 28.30 -20.94 20.17
N ARG B 212 27.93 -20.03 19.26
CA ARG B 212 28.87 -19.24 18.47
C ARG B 212 29.82 -20.16 17.71
N ARG B 213 29.27 -21.18 17.07
CA ARG B 213 30.10 -22.26 16.56
C ARG B 213 29.74 -22.72 15.16
N ILE B 214 30.77 -23.04 14.38
CA ILE B 214 30.59 -23.73 13.10
C ILE B 214 31.41 -25.02 13.14
N VAL B 215 30.80 -26.12 12.72
CA VAL B 215 31.44 -27.44 12.72
C VAL B 215 31.30 -28.06 11.34
N SER B 216 32.42 -28.35 10.69
CA SER B 216 32.40 -28.79 9.31
C SER B 216 33.28 -30.01 9.13
N PHE B 217 32.71 -31.06 8.54
CA PHE B 217 33.39 -32.34 8.42
C PHE B 217 33.35 -32.86 6.99
N GLY B 218 34.49 -33.35 6.49
CA GLY B 218 34.52 -34.22 5.32
C GLY B 218 34.74 -33.62 3.94
N SER B 219 34.82 -32.29 3.88
CA SER B 219 35.11 -31.60 2.63
C SER B 219 36.24 -30.60 2.80
N GLY B 220 37.07 -30.51 1.75
CA GLY B 220 38.16 -29.52 1.71
C GLY B 220 37.86 -28.33 0.83
N TYR B 221 36.66 -28.32 0.26
CA TYR B 221 36.33 -27.36 -0.81
C TYR B 221 35.62 -26.11 -0.34
N GLY B 222 36.11 -24.98 -0.86
CA GLY B 222 35.41 -23.70 -0.86
C GLY B 222 34.51 -23.39 0.30
N GLY B 223 33.22 -23.26 0.00
CA GLY B 223 32.23 -22.80 0.96
C GLY B 223 32.04 -23.77 2.12
N ASN B 224 32.46 -25.03 1.95
CA ASN B 224 32.36 -26.01 3.03
C ASN B 224 33.51 -25.91 4.03
N SER B 225 34.68 -25.46 3.56
CA SER B 225 35.91 -25.59 4.33
C SER B 225 36.53 -24.27 4.75
N LEU B 226 36.32 -23.23 3.95
CA LEU B 226 36.82 -21.88 4.25
C LEU B 226 35.69 -21.24 5.03
N LEU B 227 35.77 -21.32 6.36
CA LEU B 227 34.58 -21.14 7.17
C LEU B 227 34.21 -19.69 7.34
N GLY B 228 35.12 -18.80 6.92
CA GLY B 228 34.79 -17.38 6.79
C GLY B 228 33.79 -17.10 5.67
N LYS B 229 34.01 -17.73 4.52
CA LYS B 229 33.35 -17.40 3.21
C LYS B 229 31.82 -17.24 3.28
N LYS B 230 31.12 -18.25 3.82
CA LYS B 230 29.66 -18.30 3.85
C LYS B 230 29.13 -18.69 5.24
N CYS B 231 29.81 -19.66 5.87
CA CYS B 231 29.34 -20.17 7.18
C CYS B 231 29.30 -19.07 8.26
N PHE B 232 30.39 -18.31 8.35
CA PHE B 232 30.52 -17.16 9.28
C PHE B 232 29.90 -15.94 8.60
N ALA B 233 30.41 -15.54 7.44
CA ALA B 233 30.01 -14.29 6.76
C ALA B 233 28.50 -14.09 6.59
N LEU B 234 27.78 -15.18 6.31
CA LEU B 234 26.30 -15.09 6.18
C LEU B 234 25.51 -15.82 7.27
N ARG B 235 25.77 -17.10 7.49
CA ARG B 235 24.88 -17.85 8.39
C ARG B 235 24.98 -17.43 9.86
N ILE B 236 26.17 -17.55 10.44
CA ILE B 236 26.40 -17.08 11.80
C ILE B 236 26.20 -15.57 11.91
N ALA B 237 26.79 -14.81 10.99
CA ALA B 237 26.72 -13.35 11.08
C ALA B 237 25.30 -12.81 10.97
N SER B 238 24.47 -13.42 10.13
CA SER B 238 23.09 -12.92 9.97
C SER B 238 22.31 -13.00 11.28
N ARG B 239 22.49 -14.09 12.03
CA ARG B 239 21.86 -14.24 13.35
CA ARG B 239 21.84 -14.22 13.34
C ARG B 239 22.42 -13.20 14.33
N MET B 240 23.74 -13.04 14.33
CA MET B 240 24.39 -12.02 15.19
C MET B 240 23.82 -10.65 14.86
N ALA B 241 23.77 -10.36 13.57
CA ALA B 241 23.23 -9.09 13.06
C ALA B 241 21.81 -8.82 13.56
N GLN B 242 20.97 -9.86 13.58
CA GLN B 242 19.58 -9.77 14.04
C GLN B 242 19.50 -9.41 15.52
N GLN B 243 20.43 -9.95 16.29
CA GLN B 243 20.46 -9.75 17.74
CA GLN B 243 20.45 -9.76 17.74
C GLN B 243 21.10 -8.43 18.11
N GLN B 244 22.04 -7.97 17.28
CA GLN B 244 22.89 -6.80 17.58
C GLN B 244 22.58 -5.52 16.78
N GLY B 245 21.51 -5.54 15.98
CA GLY B 245 21.06 -4.36 15.23
C GLY B 245 21.89 -3.96 14.00
N TRP B 246 22.35 -4.94 13.25
CA TRP B 246 23.04 -4.69 11.98
C TRP B 246 22.58 -5.68 10.90
N LEU B 247 23.27 -5.71 9.76
CA LEU B 247 22.87 -6.54 8.62
C LEU B 247 24.08 -7.27 8.06
N ALA B 248 23.93 -8.58 7.83
CA ALA B 248 24.97 -9.39 7.17
C ALA B 248 24.37 -9.96 5.88
N GLU B 249 24.89 -9.50 4.74
CA GLU B 249 24.15 -9.69 3.49
C GLU B 249 24.99 -10.22 2.34
N HIS B 250 24.31 -10.86 1.41
CA HIS B 250 24.98 -11.42 0.24
C HIS B 250 24.92 -10.36 -0.86
N MET B 251 25.77 -9.34 -0.70
CA MET B 251 25.75 -8.18 -1.57
C MET B 251 27.16 -7.74 -1.90
N LEU B 252 27.33 -7.35 -3.17
CA LEU B 252 28.53 -6.62 -3.57
C LEU B 252 28.38 -5.20 -3.07
N ILE B 253 29.51 -4.48 -2.99
CA ILE B 253 29.51 -3.08 -2.60
C ILE B 253 30.40 -2.37 -3.63
N LEU B 254 29.90 -1.31 -4.25
CA LEU B 254 30.68 -0.58 -5.22
C LEU B 254 30.60 0.92 -4.98
N GLY B 255 31.61 1.64 -5.46
CA GLY B 255 31.60 3.09 -5.46
C GLY B 255 31.35 3.55 -6.89
N VAL B 256 30.43 4.50 -7.06
CA VAL B 256 30.14 5.07 -8.37
C VAL B 256 30.55 6.52 -8.31
N THR B 257 31.39 6.94 -9.25
CA THR B 257 31.79 8.34 -9.36
C THR B 257 31.21 8.94 -10.63
N SER B 258 30.56 10.09 -10.46
CA SER B 258 30.00 10.84 -11.60
C SER B 258 31.08 11.68 -12.28
N PRO B 259 30.82 12.18 -13.51
CA PRO B 259 31.81 13.04 -14.17
C PRO B 259 32.25 14.26 -13.35
N SER B 260 31.41 14.68 -12.39
CA SER B 260 31.71 15.84 -11.52
C SER B 260 32.69 15.48 -10.39
N GLY B 261 32.94 14.20 -10.19
CA GLY B 261 33.79 13.73 -9.08
C GLY B 261 33.05 13.28 -7.82
N GLU B 262 31.73 13.48 -7.79
CA GLU B 262 30.95 13.04 -6.62
C GLU B 262 30.87 11.50 -6.61
N LYS B 263 31.14 10.90 -5.45
CA LYS B 263 31.10 9.44 -5.30
C LYS B 263 29.98 9.01 -4.36
N ARG B 264 29.23 7.99 -4.77
CA ARG B 264 28.19 7.41 -3.92
C ARG B 264 28.40 5.91 -3.92
N TYR B 265 28.18 5.30 -2.76
CA TYR B 265 28.32 3.86 -2.64
C TYR B 265 26.97 3.16 -2.65
N MET B 266 26.96 1.97 -3.24
CA MET B 266 25.76 1.18 -3.43
C MET B 266 26.05 -0.28 -3.12
N ALA B 267 25.04 -0.97 -2.59
CA ALA B 267 25.13 -2.41 -2.35
C ALA B 267 24.11 -3.13 -3.23
N ALA B 268 24.43 -4.34 -3.67
CA ALA B 268 23.53 -5.04 -4.60
C ALA B 268 23.55 -6.53 -4.41
N ALA B 269 22.36 -7.15 -4.38
CA ALA B 269 22.24 -8.61 -4.26
C ALA B 269 21.78 -9.19 -5.59
N PHE B 270 22.56 -10.12 -6.14
CA PHE B 270 22.23 -10.74 -7.43
C PHE B 270 22.25 -12.24 -7.24
N PRO B 271 21.08 -12.91 -7.25
CA PRO B 271 20.99 -14.34 -7.02
C PRO B 271 21.83 -15.08 -8.06
N SER B 272 22.73 -15.92 -7.58
CA SER B 272 23.70 -16.67 -8.39
C SER B 272 24.46 -15.89 -9.50
N ALA B 273 24.76 -14.63 -9.22
CA ALA B 273 25.95 -13.99 -9.79
C ALA B 273 27.08 -14.22 -8.78
N CYS B 274 26.84 -15.13 -7.82
CA CYS B 274 27.80 -15.47 -6.77
C CYS B 274 29.05 -16.08 -7.39
N GLY B 275 30.20 -15.45 -7.17
CA GLY B 275 31.47 -15.94 -7.70
C GLY B 275 31.69 -15.57 -9.16
N LYS B 276 30.71 -14.90 -9.78
CA LYS B 276 30.83 -14.56 -11.20
C LYS B 276 31.12 -13.09 -11.41
N THR B 277 31.41 -12.73 -12.66
CA THR B 277 31.63 -11.34 -13.05
C THR B 277 30.38 -10.51 -12.67
N ASN B 278 30.61 -9.35 -12.05
CA ASN B 278 29.47 -8.54 -11.57
C ASN B 278 29.68 -7.04 -11.71
N LEU B 279 28.70 -6.27 -11.23
CA LEU B 279 28.71 -4.82 -11.33
C LEU B 279 29.96 -4.17 -10.75
N ALA B 280 30.45 -4.72 -9.64
CA ALA B 280 31.55 -4.10 -8.89
C ALA B 280 32.86 -4.07 -9.67
N MET B 281 32.96 -4.88 -10.72
CA MET B 281 34.16 -4.91 -11.57
C MET B 281 33.95 -4.44 -13.01
N MET B 282 32.76 -3.87 -13.25
CA MET B 282 32.38 -3.35 -14.55
C MET B 282 33.18 -2.12 -14.97
N THR B 283 33.54 -2.07 -16.25
CA THR B 283 34.01 -0.83 -16.87
C THR B 283 32.82 -0.15 -17.56
N PRO B 284 32.39 1.03 -17.04
CA PRO B 284 31.22 1.71 -17.59
C PRO B 284 31.39 2.09 -19.05
N SER B 285 30.28 2.03 -19.79
CA SER B 285 30.30 2.43 -21.19
C SER B 285 29.75 3.86 -21.37
N LEU B 286 29.69 4.60 -20.28
CA LEU B 286 29.32 6.04 -20.29
C LEU B 286 30.55 6.88 -19.94
N PRO B 287 30.97 7.77 -20.85
CA PRO B 287 32.15 8.61 -20.55
C PRO B 287 31.98 9.39 -19.24
N GLY B 288 33.07 9.55 -18.50
CA GLY B 288 33.05 10.34 -17.29
C GLY B 288 32.76 9.54 -16.04
N TRP B 289 31.97 8.47 -16.16
CA TRP B 289 31.57 7.67 -14.99
C TRP B 289 32.59 6.59 -14.62
N ARG B 290 32.80 6.40 -13.32
CA ARG B 290 33.77 5.42 -12.83
C ARG B 290 33.14 4.49 -11.81
N ILE B 291 33.61 3.25 -11.80
CA ILE B 291 33.17 2.29 -10.78
CA ILE B 291 33.17 2.21 -10.84
C ILE B 291 34.40 1.69 -10.11
N HIS B 292 34.36 1.63 -8.78
CA HIS B 292 35.39 0.96 -8.00
C HIS B 292 34.75 -0.11 -7.15
N CYS B 293 35.51 -1.17 -6.85
CA CYS B 293 35.01 -2.29 -6.08
C CYS B 293 35.34 -2.16 -4.59
N VAL B 294 34.32 -2.23 -3.72
CA VAL B 294 34.58 -2.39 -2.27
C VAL B 294 34.57 -3.88 -1.91
N GLY B 295 33.56 -4.59 -2.39
CA GLY B 295 33.48 -6.04 -2.23
C GLY B 295 32.64 -6.64 -3.34
N ASP B 296 32.82 -7.92 -3.60
CA ASP B 296 31.97 -8.54 -4.61
C ASP B 296 31.09 -9.70 -4.13
N ASP B 297 30.88 -9.83 -2.82
CA ASP B 297 30.11 -10.99 -2.35
C ASP B 297 29.36 -10.77 -1.04
N ILE B 298 30.06 -10.28 -0.02
CA ILE B 298 29.46 -10.14 1.33
C ILE B 298 29.54 -8.68 1.77
N ALA B 299 28.45 -8.20 2.36
CA ALA B 299 28.40 -6.85 2.91
C ALA B 299 27.90 -6.92 4.35
N TRP B 300 28.60 -6.26 5.26
CA TRP B 300 28.19 -6.17 6.64
C TRP B 300 27.89 -4.70 6.86
N MET B 301 26.67 -4.39 7.31
CA MET B 301 26.21 -3.00 7.33
C MET B 301 25.61 -2.61 8.67
N LYS B 302 25.95 -1.42 9.14
CA LYS B 302 25.47 -0.96 10.43
C LYS B 302 25.33 0.56 10.40
N PHE B 303 24.20 1.06 10.90
CA PHE B 303 23.97 2.51 10.97
C PHE B 303 24.95 3.14 11.94
N ASP B 304 25.57 4.25 11.55
CA ASP B 304 26.55 4.90 12.41
C ASP B 304 25.91 5.98 13.28
N ASP B 305 26.73 6.69 14.04
CA ASP B 305 26.26 7.78 14.91
C ASP B 305 25.45 8.87 14.20
N GLU B 306 25.73 9.05 12.91
CA GLU B 306 25.09 10.09 12.11
CA GLU B 306 25.09 10.10 12.12
C GLU B 306 23.84 9.59 11.39
N GLY B 307 23.51 8.31 11.57
CA GLY B 307 22.33 7.71 10.92
C GLY B 307 22.63 7.19 9.52
N ARG B 308 23.91 7.22 9.14
CA ARG B 308 24.34 6.71 7.84
C ARG B 308 24.59 5.21 7.91
N LEU B 309 24.20 4.51 6.85
CA LEU B 309 24.40 3.06 6.79
C LEU B 309 25.82 2.73 6.31
N ARG B 310 26.68 2.32 7.23
CA ARG B 310 28.08 2.03 6.87
C ARG B 310 28.25 0.56 6.49
N ALA B 311 28.97 0.30 5.41
CA ALA B 311 29.20 -1.09 4.98
C ALA B 311 30.67 -1.38 4.94
N ILE B 312 31.05 -2.58 5.38
CA ILE B 312 32.39 -3.09 5.12
C ILE B 312 32.27 -4.39 4.33
N ASN B 313 33.31 -4.65 3.54
CA ASN B 313 33.58 -5.96 2.99
C ASN B 313 34.36 -6.74 4.07
N PRO B 314 33.73 -7.79 4.64
CA PRO B 314 34.38 -8.54 5.70
C PRO B 314 35.39 -9.58 5.16
N GLU B 315 35.67 -9.56 3.84
CA GLU B 315 36.68 -10.48 3.25
C GLU B 315 37.91 -9.74 2.73
N ARG B 316 38.99 -10.49 2.46
CA ARG B 316 40.28 -9.92 2.03
C ARG B 316 40.70 -10.37 0.63
N GLY B 317 39.93 -11.28 0.05
CA GLY B 317 40.30 -11.89 -1.21
C GLY B 317 39.06 -12.20 -2.01
N PHE B 318 39.27 -12.60 -3.26
CA PHE B 318 38.21 -13.03 -4.15
C PHE B 318 38.28 -14.55 -4.35
N PHE B 319 37.13 -15.20 -4.33
CA PHE B 319 37.05 -16.64 -4.52
C PHE B 319 36.10 -16.85 -5.73
N GLY B 320 36.62 -16.60 -6.92
CA GLY B 320 35.77 -16.47 -8.11
C GLY B 320 35.69 -17.73 -8.94
N VAL B 321 34.54 -17.91 -9.60
CA VAL B 321 34.38 -18.96 -10.60
C VAL B 321 35.26 -18.66 -11.81
N ALA B 322 36.05 -19.64 -12.23
CA ALA B 322 37.06 -19.40 -13.25
C ALA B 322 36.52 -19.47 -14.67
N PRO B 323 35.77 -20.54 -15.04
CA PRO B 323 35.36 -20.64 -16.45
C PRO B 323 34.60 -19.40 -16.92
N GLY B 324 34.85 -18.98 -18.16
CA GLY B 324 34.24 -17.76 -18.71
C GLY B 324 35.06 -16.50 -18.52
N THR B 325 35.97 -16.51 -17.54
CA THR B 325 36.84 -15.35 -17.30
C THR B 325 37.76 -15.10 -18.49
N SER B 326 37.71 -13.90 -19.04
CA SER B 326 38.61 -13.50 -20.14
C SER B 326 38.88 -12.01 -20.06
N SER B 327 39.78 -11.52 -20.92
CA SER B 327 40.04 -10.08 -20.98
CA SER B 327 40.05 -10.08 -21.02
C SER B 327 38.81 -9.32 -21.46
N ARG B 328 37.94 -10.01 -22.21
CA ARG B 328 36.69 -9.43 -22.72
CA ARG B 328 36.70 -9.40 -22.69
C ARG B 328 35.59 -9.36 -21.64
N THR B 329 35.41 -10.46 -20.92
CA THR B 329 34.35 -10.53 -19.90
C THR B 329 34.75 -9.97 -18.52
N ASN B 330 36.04 -9.96 -18.22
CA ASN B 330 36.50 -9.59 -16.87
C ASN B 330 37.99 -9.20 -16.83
N PRO B 331 38.38 -8.08 -17.49
CA PRO B 331 39.80 -7.67 -17.51
C PRO B 331 40.35 -7.35 -16.10
N ASN B 332 39.49 -6.84 -15.22
CA ASN B 332 39.91 -6.56 -13.85
C ASN B 332 40.19 -7.82 -13.03
N ALA B 333 39.40 -8.88 -13.24
CA ALA B 333 39.73 -10.16 -12.60
C ALA B 333 41.03 -10.74 -13.19
N MET B 334 41.21 -10.59 -14.50
CA MET B 334 42.42 -11.06 -15.18
C MET B 334 43.70 -10.42 -14.60
N ALA B 335 43.66 -9.11 -14.36
CA ALA B 335 44.77 -8.44 -13.71
C ALA B 335 45.00 -8.98 -12.30
N THR B 336 43.91 -9.26 -11.60
CA THR B 336 43.97 -9.68 -10.20
C THR B 336 44.65 -11.03 -10.05
N ILE B 337 44.35 -11.95 -10.97
CA ILE B 337 44.75 -13.36 -10.81
C ILE B 337 46.11 -13.70 -11.45
N ALA B 338 46.81 -12.66 -11.91
CA ALA B 338 48.12 -12.80 -12.57
C ALA B 338 49.25 -13.20 -11.62
N ARG B 339 49.09 -12.95 -10.32
CA ARG B 339 50.13 -13.31 -9.35
C ARG B 339 49.50 -13.77 -8.05
N ASN B 340 50.23 -14.60 -7.31
CA ASN B 340 49.83 -14.92 -5.92
C ASN B 340 48.43 -15.49 -5.81
N THR B 341 48.03 -16.26 -6.81
CA THR B 341 46.68 -16.80 -6.89
C THR B 341 46.72 -18.32 -6.88
N ILE B 342 45.80 -18.90 -6.11
CA ILE B 342 45.62 -20.35 -6.05
C ILE B 342 44.40 -20.70 -6.90
N PHE B 343 44.59 -21.60 -7.87
CA PHE B 343 43.52 -22.05 -8.75
C PHE B 343 43.15 -23.47 -8.35
N THR B 344 41.86 -23.80 -8.36
CA THR B 344 41.40 -25.15 -8.05
C THR B 344 40.54 -25.66 -9.19
N ASN B 345 40.92 -26.83 -9.72
CA ASN B 345 40.14 -27.57 -10.73
C ASN B 345 40.04 -26.92 -12.12
N VAL B 346 41.04 -26.10 -12.45
CA VAL B 346 41.16 -25.61 -13.82
C VAL B 346 42.18 -26.48 -14.57
N GLY B 347 42.34 -26.21 -15.87
CA GLY B 347 43.25 -27.02 -16.70
C GLY B 347 44.65 -26.48 -16.59
N LEU B 348 45.62 -27.33 -16.92
CA LEU B 348 47.05 -26.99 -16.84
C LEU B 348 47.64 -27.02 -18.23
N ARG B 349 48.34 -25.95 -18.63
CA ARG B 349 48.96 -25.88 -19.95
C ARG B 349 50.42 -26.33 -19.93
N SER B 350 50.89 -26.86 -21.06
CA SER B 350 52.29 -27.27 -21.20
C SER B 350 53.31 -26.11 -21.12
N ASP B 351 52.83 -24.87 -21.20
CA ASP B 351 53.71 -23.70 -21.04
C ASP B 351 53.72 -23.16 -19.62
N GLY B 352 53.07 -23.88 -18.71
CA GLY B 352 53.06 -23.54 -17.30
C GLY B 352 51.94 -22.59 -16.89
N GLY B 353 50.97 -22.36 -17.79
CA GLY B 353 49.82 -21.52 -17.45
C GLY B 353 48.56 -22.33 -17.22
N VAL B 354 47.43 -21.63 -17.07
CA VAL B 354 46.14 -22.30 -16.80
C VAL B 354 45.23 -22.26 -18.01
N TYR B 355 44.20 -23.12 -18.00
CA TYR B 355 43.18 -23.04 -19.03
C TYR B 355 41.77 -23.32 -18.50
N TRP B 356 40.82 -22.55 -19.00
CA TRP B 356 39.38 -22.84 -18.88
C TRP B 356 38.64 -22.30 -20.10
N ASP B 357 37.44 -22.82 -20.34
CA ASP B 357 36.62 -22.36 -21.46
C ASP B 357 36.48 -20.85 -21.48
N GLY B 358 36.84 -20.23 -22.61
CA GLY B 358 36.76 -18.77 -22.77
C GLY B 358 38.04 -17.99 -22.55
N LEU B 359 39.01 -18.58 -21.85
CA LEU B 359 40.28 -17.90 -21.58
C LEU B 359 41.01 -17.51 -22.86
N ASP B 360 41.39 -16.23 -22.95
CA ASP B 360 41.99 -15.65 -24.15
C ASP B 360 43.45 -15.18 -23.98
N GLU B 361 44.18 -15.78 -23.04
CA GLU B 361 45.60 -15.49 -22.84
C GLU B 361 46.45 -16.00 -24.03
N PRO B 362 47.30 -15.13 -24.62
CA PRO B 362 48.20 -15.55 -25.71
C PRO B 362 49.25 -16.56 -25.25
N THR B 363 49.64 -17.48 -26.14
CA THR B 363 50.59 -18.54 -25.77
CA THR B 363 50.62 -18.51 -25.77
C THR B 363 51.52 -18.92 -26.91
N GLU B 364 52.61 -19.62 -26.56
CA GLU B 364 53.55 -20.15 -27.56
CA GLU B 364 53.56 -20.18 -27.55
C GLU B 364 52.87 -21.25 -28.38
N PRO B 365 53.30 -21.45 -29.65
CA PRO B 365 52.69 -22.56 -30.39
C PRO B 365 52.93 -23.93 -29.77
N GLY B 366 52.04 -24.87 -30.06
CA GLY B 366 52.23 -26.28 -29.68
C GLY B 366 51.87 -26.56 -28.24
N VAL B 367 51.14 -25.63 -27.62
CA VAL B 367 50.71 -25.80 -26.23
C VAL B 367 49.61 -26.86 -26.11
N THR B 368 49.82 -27.78 -25.16
CA THR B 368 48.87 -28.85 -24.88
C THR B 368 48.30 -28.69 -23.47
N TYR B 369 47.24 -29.45 -23.16
CA TYR B 369 46.48 -29.27 -21.91
C TYR B 369 46.36 -30.55 -21.09
N THR B 370 46.25 -30.38 -19.77
CA THR B 370 45.86 -31.44 -18.87
C THR B 370 44.58 -30.96 -18.17
N SER B 371 43.51 -31.76 -18.25
CA SER B 371 42.24 -31.40 -17.61
C SER B 371 42.34 -31.44 -16.09
N TRP B 372 41.30 -30.94 -15.43
CA TRP B 372 41.21 -30.97 -13.97
C TRP B 372 41.13 -32.42 -13.45
N LEU B 373 40.86 -33.35 -14.34
CA LEU B 373 40.81 -34.78 -14.00
C LEU B 373 42.16 -35.46 -14.26
N GLY B 374 43.16 -34.66 -14.62
CA GLY B 374 44.52 -35.15 -14.78
C GLY B 374 44.80 -35.81 -16.11
N LYS B 375 43.91 -35.60 -17.08
CA LYS B 375 43.98 -36.31 -18.37
C LYS B 375 44.36 -35.38 -19.52
N PRO B 376 45.03 -35.93 -20.56
CA PRO B 376 45.23 -35.11 -21.76
C PRO B 376 43.89 -34.58 -22.28
N TRP B 377 43.89 -33.33 -22.73
CA TRP B 377 42.67 -32.66 -23.16
C TRP B 377 42.96 -31.80 -24.39
N LYS B 378 42.05 -31.82 -25.36
CA LYS B 378 42.19 -30.96 -26.53
CA LYS B 378 42.17 -31.02 -26.58
C LYS B 378 40.91 -30.19 -26.83
N HIS B 379 41.07 -29.00 -27.42
CA HIS B 379 39.92 -28.16 -27.82
C HIS B 379 38.91 -28.97 -28.60
N GLY B 380 37.65 -28.89 -28.20
CA GLY B 380 36.59 -29.63 -28.89
C GLY B 380 36.31 -31.00 -28.31
N ASP B 381 36.98 -31.33 -27.20
CA ASP B 381 36.67 -32.56 -26.49
C ASP B 381 35.33 -32.43 -25.78
N PRO B 382 34.63 -33.57 -25.59
CA PRO B 382 33.31 -33.61 -24.95
C PRO B 382 33.24 -32.95 -23.58
N GLU B 383 34.13 -33.36 -22.66
CA GLU B 383 34.21 -32.83 -21.30
C GLU B 383 34.96 -31.49 -21.27
N PRO B 384 34.52 -30.55 -20.39
CA PRO B 384 35.33 -29.34 -20.32
C PRO B 384 36.68 -29.57 -19.63
N CYS B 385 37.65 -28.74 -19.96
CA CYS B 385 38.98 -28.85 -19.42
C CYS B 385 39.02 -28.55 -17.92
N ALA B 386 38.21 -27.56 -17.52
CA ALA B 386 38.07 -27.09 -16.14
C ALA B 386 36.70 -27.46 -15.60
N HIS B 387 36.59 -27.81 -14.32
CA HIS B 387 35.29 -28.10 -13.72
C HIS B 387 34.47 -26.81 -13.77
N PRO B 388 33.16 -26.91 -14.06
CA PRO B 388 32.33 -25.68 -14.11
C PRO B 388 32.34 -24.82 -12.84
N ASN B 389 32.62 -25.43 -11.69
CA ASN B 389 32.71 -24.69 -10.41
C ASN B 389 34.16 -24.43 -9.96
N SER B 390 35.09 -24.55 -10.91
CA SER B 390 36.52 -24.32 -10.63
C SER B 390 36.73 -22.86 -10.24
N ARG B 391 37.80 -22.61 -9.48
CA ARG B 391 37.92 -21.33 -8.76
C ARG B 391 39.31 -20.74 -8.87
N PHE B 392 39.35 -19.40 -8.76
CA PHE B 392 40.59 -18.74 -8.37
C PHE B 392 40.41 -18.15 -6.98
N CYS B 393 41.52 -18.08 -6.24
CA CYS B 393 41.53 -17.48 -4.91
C CYS B 393 42.68 -16.48 -4.88
N ALA B 394 42.35 -15.19 -4.82
CA ALA B 394 43.32 -14.11 -5.06
C ALA B 394 43.13 -12.97 -4.06
N PRO B 395 44.23 -12.34 -3.63
CA PRO B 395 44.15 -11.14 -2.78
C PRO B 395 43.42 -9.99 -3.46
N ALA B 396 42.48 -9.37 -2.76
CA ALA B 396 41.70 -8.26 -3.30
C ALA B 396 42.58 -7.07 -3.61
N ASP B 397 43.68 -6.95 -2.87
CA ASP B 397 44.60 -5.81 -2.98
C ASP B 397 45.34 -5.78 -4.33
N GLN B 398 45.14 -6.82 -5.14
CA GLN B 398 45.73 -6.93 -6.47
C GLN B 398 44.78 -6.48 -7.58
N CYS B 399 43.52 -6.23 -7.22
CA CYS B 399 42.55 -5.80 -8.22
C CYS B 399 42.74 -4.31 -8.55
N PRO B 400 42.97 -3.97 -9.83
CA PRO B 400 43.30 -2.58 -10.15
C PRO B 400 42.18 -1.55 -9.90
N ILE B 401 40.95 -2.00 -9.68
CA ILE B 401 39.85 -1.05 -9.49
C ILE B 401 39.26 -1.10 -8.08
N MET B 402 40.03 -1.58 -7.11
CA MET B 402 39.58 -1.52 -5.71
C MET B 402 39.40 -0.06 -5.31
N ASP B 403 38.31 0.19 -4.59
CA ASP B 403 38.04 1.51 -4.05
C ASP B 403 39.13 1.86 -3.04
N PRO B 404 39.58 3.14 -3.01
CA PRO B 404 40.53 3.56 -1.96
C PRO B 404 40.07 3.24 -0.54
N ARG B 405 38.75 3.16 -0.32
CA ARG B 405 38.23 2.85 1.00
C ARG B 405 37.80 1.39 1.17
N TRP B 406 38.23 0.50 0.27
CA TRP B 406 37.75 -0.90 0.31
C TRP B 406 38.09 -1.63 1.62
N ASP B 407 39.16 -1.19 2.28
CA ASP B 407 39.55 -1.78 3.56
C ASP B 407 39.68 -0.72 4.66
N ASP B 408 38.92 0.37 4.50
CA ASP B 408 38.76 1.41 5.50
C ASP B 408 37.93 0.87 6.69
N PRO B 409 38.52 0.87 7.91
CA PRO B 409 37.79 0.30 9.05
CA PRO B 409 37.82 0.34 9.09
C PRO B 409 36.46 1.00 9.35
N GLU B 410 36.27 2.22 8.88
CA GLU B 410 35.03 2.94 9.19
C GLU B 410 33.84 2.47 8.34
N GLY B 411 34.15 1.80 7.24
CA GLY B 411 33.13 1.42 6.27
C GLY B 411 32.72 2.58 5.35
N VAL B 412 31.99 2.26 4.29
CA VAL B 412 31.55 3.24 3.30
C VAL B 412 30.04 3.50 3.43
N PRO B 413 29.60 4.77 3.25
CA PRO B 413 28.18 5.12 3.42
C PRO B 413 27.34 4.66 2.26
N ILE B 414 26.37 3.79 2.54
CA ILE B 414 25.50 3.22 1.49
C ILE B 414 24.24 4.06 1.23
N ASP B 415 24.06 4.51 -0.02
CA ASP B 415 22.93 5.38 -0.38
C ASP B 415 21.89 4.67 -1.25
N ALA B 416 22.23 3.49 -1.76
CA ALA B 416 21.27 2.67 -2.50
C ALA B 416 21.53 1.20 -2.30
N ILE B 417 20.43 0.43 -2.22
CA ILE B 417 20.53 -1.02 -2.19
C ILE B 417 19.75 -1.52 -3.37
N ILE B 418 20.37 -2.42 -4.15
CA ILE B 418 19.82 -2.87 -5.43
C ILE B 418 19.62 -4.38 -5.41
N PHE B 419 18.40 -4.81 -5.73
CA PHE B 419 18.06 -6.22 -5.83
C PHE B 419 17.99 -6.62 -7.29
N GLY B 420 18.59 -7.75 -7.64
CA GLY B 420 18.71 -8.12 -9.03
C GLY B 420 17.91 -9.38 -9.36
N GLY B 421 17.42 -9.46 -10.60
CA GLY B 421 16.68 -10.63 -11.03
C GLY B 421 17.02 -10.95 -12.46
N ARG B 422 16.79 -12.20 -12.83
CA ARG B 422 16.97 -12.61 -14.21
CA ARG B 422 16.98 -12.62 -14.21
C ARG B 422 15.63 -13.12 -14.71
N ARG B 423 14.93 -12.28 -15.50
CA ARG B 423 13.58 -12.60 -15.98
C ARG B 423 13.42 -12.20 -17.44
N PRO B 424 12.93 -13.12 -18.30
CA PRO B 424 12.78 -12.80 -19.71
C PRO B 424 11.61 -11.91 -20.09
N ARG B 425 10.61 -11.77 -19.21
CA ARG B 425 9.49 -10.89 -19.50
C ARG B 425 8.96 -10.25 -18.21
N GLY B 426 8.26 -9.14 -18.37
CA GLY B 426 7.40 -8.59 -17.31
C GLY B 426 8.10 -7.66 -16.36
N VAL B 427 9.26 -8.07 -15.86
CA VAL B 427 10.00 -7.27 -14.86
C VAL B 427 10.89 -6.19 -15.51
N PRO B 428 10.58 -4.90 -15.28
CA PRO B 428 11.34 -3.87 -16.02
C PRO B 428 12.84 -3.81 -15.70
N LEU B 429 13.60 -3.17 -16.60
CA LEU B 429 15.03 -2.99 -16.45
C LEU B 429 15.43 -2.44 -15.09
N VAL B 430 14.71 -1.42 -14.62
CA VAL B 430 14.97 -0.82 -13.31
C VAL B 430 13.71 -0.21 -12.74
N VAL B 431 13.49 -0.48 -11.45
CA VAL B 431 12.38 0.12 -10.70
C VAL B 431 12.89 0.58 -9.35
N GLU B 432 12.49 1.78 -8.92
CA GLU B 432 12.77 2.22 -7.56
C GLU B 432 11.52 2.00 -6.68
N ALA B 433 11.76 1.48 -5.48
CA ALA B 433 10.67 1.24 -4.53
C ALA B 433 10.02 2.56 -4.14
N PHE B 434 8.74 2.48 -3.81
CA PHE B 434 8.04 3.62 -3.24
C PHE B 434 8.50 4.00 -1.81
N GLY B 435 9.19 3.08 -1.14
CA GLY B 435 9.72 3.34 0.20
C GLY B 435 10.36 2.08 0.72
N TRP B 436 10.81 2.13 1.98
CA TRP B 436 11.57 1.03 2.55
C TRP B 436 10.77 -0.29 2.62
N ARG B 437 9.53 -0.23 3.09
CA ARG B 437 8.70 -1.43 3.26
C ARG B 437 8.45 -2.09 1.92
N HIS B 438 8.16 -1.26 0.92
CA HIS B 438 7.97 -1.73 -0.44
C HIS B 438 9.25 -2.41 -0.94
N GLY B 439 10.39 -1.75 -0.69
CA GLY B 439 11.73 -2.29 -0.99
C GLY B 439 11.99 -3.68 -0.43
N VAL B 440 11.62 -3.89 0.84
CA VAL B 440 11.78 -5.17 1.52
C VAL B 440 10.91 -6.23 0.81
N PHE B 441 9.68 -5.87 0.44
CA PHE B 441 8.81 -6.77 -0.33
C PHE B 441 9.52 -7.15 -1.65
N MET B 442 10.06 -6.17 -2.37
CA MET B 442 10.79 -6.51 -3.63
C MET B 442 11.95 -7.48 -3.38
N GLY B 443 12.73 -7.25 -2.32
CA GLY B 443 13.83 -8.20 -1.98
C GLY B 443 13.29 -9.60 -1.70
N SER B 444 12.15 -9.69 -1.00
CA SER B 444 11.59 -10.99 -0.64
C SER B 444 11.02 -11.73 -1.86
N ALA B 445 10.72 -10.98 -2.91
CA ALA B 445 10.10 -11.54 -4.12
C ALA B 445 11.10 -11.91 -5.20
N MET B 446 12.38 -11.79 -4.90
CA MET B 446 13.46 -12.05 -5.87
C MET B 446 13.49 -13.49 -6.37
N ARG B 447 13.93 -13.65 -7.63
CA ARG B 447 14.06 -14.98 -8.23
C ARG B 447 15.44 -15.27 -8.82
N SER B 448 15.79 -16.56 -8.84
CA SER B 448 17.05 -17.03 -9.44
C SER B 448 16.73 -17.98 -10.61
N LEU B 461 13.52 -21.43 -12.22
CA LEU B 461 13.06 -20.11 -11.78
C LEU B 461 12.70 -20.09 -10.28
N MET B 462 13.71 -20.35 -9.45
CA MET B 462 13.50 -20.48 -8.02
C MET B 462 13.41 -19.13 -7.33
N HIS B 463 12.72 -19.13 -6.21
CA HIS B 463 12.66 -17.96 -5.37
C HIS B 463 13.96 -17.86 -4.59
N ASP B 464 14.52 -16.67 -4.52
CA ASP B 464 15.78 -16.46 -3.79
C ASP B 464 15.76 -15.12 -3.05
N PRO B 465 14.95 -15.02 -1.99
CA PRO B 465 14.77 -13.73 -1.32
C PRO B 465 16.10 -13.15 -0.83
N PHE B 466 16.39 -11.91 -1.23
CA PHE B 466 17.62 -11.21 -0.84
C PHE B 466 18.91 -11.94 -1.26
N ALA B 467 18.80 -12.85 -2.21
CA ALA B 467 19.94 -13.72 -2.58
C ALA B 467 20.44 -14.56 -1.40
N MET B 468 19.58 -14.77 -0.41
CA MET B 468 19.98 -15.42 0.84
C MET B 468 19.47 -16.86 1.02
N ARG B 469 18.75 -17.39 0.04
N ARG B 469 18.75 -17.39 0.04
CA ARG B 469 18.07 -18.69 0.21
CA ARG B 469 18.08 -18.69 0.20
C ARG B 469 18.97 -19.80 0.78
C ARG B 469 18.95 -19.80 0.77
N PRO B 470 20.16 -20.02 0.20
CA PRO B 470 20.98 -21.09 0.79
C PRO B 470 21.77 -20.68 2.03
N PHE B 471 21.59 -19.43 2.46
CA PHE B 471 22.49 -18.83 3.43
C PHE B 471 21.84 -18.31 4.72
N PHE B 472 20.55 -18.56 4.92
CA PHE B 472 19.92 -18.11 6.17
C PHE B 472 20.57 -18.77 7.38
N GLY B 473 20.77 -17.97 8.44
CA GLY B 473 21.27 -18.47 9.72
C GLY B 473 20.20 -18.60 10.79
N TYR B 474 18.98 -18.20 10.43
CA TYR B 474 17.84 -18.26 11.33
C TYR B 474 16.57 -18.09 10.52
N ASN B 475 15.41 -18.25 11.18
CA ASN B 475 14.11 -18.23 10.54
C ASN B 475 14.00 -17.13 9.48
N ALA B 476 13.84 -17.50 8.21
CA ALA B 476 13.83 -16.50 7.13
C ALA B 476 12.68 -15.49 7.25
N GLY B 477 11.57 -15.90 7.86
CA GLY B 477 10.49 -14.94 8.19
C GLY B 477 10.93 -13.89 9.21
N ARG B 478 11.71 -14.32 10.20
CA ARG B 478 12.23 -13.39 11.21
C ARG B 478 13.32 -12.50 10.61
N TYR B 479 14.00 -13.00 9.56
CA TYR B 479 14.96 -12.20 8.80
C TYR B 479 14.25 -11.05 8.08
N LEU B 480 13.10 -11.34 7.47
CA LEU B 480 12.33 -10.29 6.80
C LEU B 480 11.83 -9.28 7.82
N GLU B 481 11.40 -9.75 8.97
CA GLU B 481 11.00 -8.87 10.06
C GLU B 481 12.15 -7.97 10.51
N HIS B 482 13.37 -8.50 10.55
CA HIS B 482 14.54 -7.71 10.92
C HIS B 482 14.81 -6.58 9.92
N TRP B 483 14.67 -6.88 8.62
CA TRP B 483 14.78 -5.85 7.59
C TRP B 483 13.72 -4.75 7.72
N LEU B 484 12.50 -5.16 8.03
CA LEU B 484 11.40 -4.22 8.20
C LEU B 484 11.67 -3.32 9.39
N SER B 485 12.11 -3.92 10.50
CA SER B 485 12.39 -3.18 11.72
CA SER B 485 12.42 -3.21 11.73
C SER B 485 13.56 -2.21 11.57
N THR B 486 14.54 -2.59 10.74
CA THR B 486 15.71 -1.77 10.48
C THR B 486 15.26 -0.43 9.88
N GLY B 487 14.29 -0.47 8.99
CA GLY B 487 13.78 0.71 8.31
C GLY B 487 13.03 1.70 9.20
N LEU B 488 12.64 1.24 10.38
CA LEU B 488 11.93 2.07 11.35
C LEU B 488 12.84 2.79 12.34
N ARG B 489 14.14 2.54 12.25
CA ARG B 489 15.12 3.17 13.13
C ARG B 489 15.03 4.71 13.11
N SER B 490 14.93 5.33 14.29
CA SER B 490 14.80 6.79 14.39
CA SER B 490 14.80 6.78 14.38
C SER B 490 16.02 7.48 13.80
N ASN B 491 15.77 8.53 13.02
CA ASN B 491 16.82 9.36 12.40
C ASN B 491 17.77 8.65 11.42
N ALA B 492 17.43 7.43 11.01
CA ALA B 492 18.21 6.71 9.99
C ALA B 492 18.12 7.41 8.64
N ARG B 493 19.26 7.54 7.96
CA ARG B 493 19.28 8.03 6.60
C ARG B 493 19.21 6.79 5.70
N LEU B 494 18.01 6.31 5.46
CA LEU B 494 17.82 5.05 4.73
C LEU B 494 18.28 5.15 3.28
N PRO B 495 18.96 4.10 2.80
CA PRO B 495 19.24 4.07 1.38
C PRO B 495 17.94 3.86 0.59
N ARG B 496 17.91 4.32 -0.66
CA ARG B 496 16.82 4.02 -1.57
C ARG B 496 16.99 2.61 -2.07
N LEU B 497 15.87 1.91 -2.28
CA LEU B 497 15.86 0.51 -2.70
C LEU B 497 15.39 0.39 -4.12
N PHE B 498 16.05 -0.48 -4.89
CA PHE B 498 15.76 -0.62 -6.32
C PHE B 498 15.71 -2.08 -6.70
N HIS B 499 15.01 -2.40 -7.78
CA HIS B 499 15.08 -3.73 -8.36
C HIS B 499 15.48 -3.58 -9.83
N VAL B 500 16.43 -4.41 -10.25
CA VAL B 500 16.90 -4.38 -11.65
C VAL B 500 16.77 -5.74 -12.33
N ASN B 501 16.61 -5.70 -13.65
CA ASN B 501 16.57 -6.92 -14.47
C ASN B 501 17.28 -6.66 -15.78
N TRP B 502 18.49 -7.19 -15.96
CA TRP B 502 19.22 -6.97 -17.20
C TRP B 502 18.75 -7.86 -18.38
N PHE B 503 17.79 -8.76 -18.13
CA PHE B 503 17.62 -9.94 -18.98
C PHE B 503 16.27 -10.10 -19.70
N LEU B 504 15.53 -9.01 -19.83
CA LEU B 504 14.31 -9.01 -20.64
C LEU B 504 14.64 -9.44 -22.06
N ARG B 505 13.72 -10.20 -22.64
CA ARG B 505 13.87 -10.67 -24.02
C ARG B 505 12.68 -10.24 -24.85
N ASP B 506 12.89 -10.05 -26.15
CA ASP B 506 11.77 -9.75 -27.03
C ASP B 506 11.12 -11.06 -27.50
N ASN B 507 10.11 -10.96 -28.35
CA ASN B 507 9.37 -12.13 -28.83
C ASN B 507 10.25 -13.13 -29.61
N GLU B 508 11.38 -12.65 -30.14
CA GLU B 508 12.33 -13.47 -30.90
C GLU B 508 13.39 -14.10 -30.00
N GLY B 509 13.32 -13.81 -28.70
CA GLY B 509 14.23 -14.42 -27.73
C GLY B 509 15.54 -13.68 -27.49
N ARG B 510 15.73 -12.54 -28.14
CA ARG B 510 16.95 -11.77 -27.94
C ARG B 510 16.84 -10.82 -26.76
N PHE B 511 17.97 -10.50 -26.16
CA PHE B 511 18.01 -9.52 -25.07
C PHE B 511 17.71 -8.12 -25.56
N VAL B 512 16.86 -7.44 -24.82
CA VAL B 512 16.42 -6.10 -25.17
CA VAL B 512 16.39 -6.09 -25.13
C VAL B 512 17.40 -5.03 -24.65
N TRP B 513 18.16 -5.38 -23.62
CA TRP B 513 19.16 -4.47 -23.01
C TRP B 513 20.54 -5.11 -23.21
N PRO B 514 21.51 -4.32 -23.74
CA PRO B 514 22.83 -4.87 -24.06
C PRO B 514 23.68 -5.27 -22.86
N GLY B 515 23.38 -4.71 -21.69
CA GLY B 515 24.06 -5.12 -20.47
C GLY B 515 25.54 -4.78 -20.42
N PHE B 516 26.26 -5.54 -19.59
CA PHE B 516 27.70 -5.34 -19.34
C PHE B 516 28.01 -3.89 -18.93
N GLY B 517 28.96 -3.24 -19.60
CA GLY B 517 29.31 -1.85 -19.27
C GLY B 517 28.16 -0.87 -19.40
N HIS B 518 27.17 -1.20 -20.23
CA HIS B 518 26.00 -0.34 -20.36
C HIS B 518 25.13 -0.30 -19.11
N ASN B 519 25.37 -1.21 -18.17
CA ASN B 519 24.61 -1.23 -16.92
C ASN B 519 24.93 0.00 -16.11
N ALA B 520 26.06 0.63 -16.43
CA ALA B 520 26.41 1.92 -15.81
C ALA B 520 25.35 2.98 -16.07
N ARG B 521 24.63 2.89 -17.19
CA ARG B 521 23.57 3.84 -17.51
C ARG B 521 22.46 3.77 -16.47
N VAL B 522 22.13 2.54 -16.06
CA VAL B 522 21.15 2.34 -14.98
C VAL B 522 21.73 2.89 -13.67
N LEU B 523 22.99 2.60 -13.37
CA LEU B 523 23.60 3.14 -12.13
C LEU B 523 23.62 4.67 -12.10
N ALA B 524 23.85 5.32 -13.25
CA ALA B 524 23.81 6.78 -13.36
C ALA B 524 22.43 7.35 -13.01
N TRP B 525 21.36 6.68 -13.44
CA TRP B 525 20.02 7.12 -13.09
C TRP B 525 19.75 6.96 -11.59
N ILE B 526 20.18 5.85 -11.04
CA ILE B 526 20.07 5.59 -9.60
C ILE B 526 20.83 6.67 -8.82
N PHE B 527 22.05 6.99 -9.30
CA PHE B 527 22.89 8.04 -8.71
C PHE B 527 22.11 9.37 -8.66
N GLY B 528 21.46 9.72 -9.77
CA GLY B 528 20.63 10.92 -9.83
C GLY B 528 19.46 10.87 -8.85
N ARG B 529 18.88 9.70 -8.67
CA ARG B 529 17.79 9.55 -7.68
C ARG B 529 18.28 9.77 -6.24
N ILE B 530 19.49 9.29 -5.95
CA ILE B 530 20.11 9.51 -4.64
C ILE B 530 20.28 11.01 -4.38
N GLN B 531 20.65 11.74 -5.43
CA GLN B 531 20.84 13.20 -5.36
C GLN B 531 19.52 13.96 -5.25
N GLY B 532 18.40 13.25 -5.37
CA GLY B 532 17.07 13.86 -5.25
C GLY B 532 16.51 14.44 -6.54
N ARG B 533 17.05 14.02 -7.68
CA ARG B 533 16.61 14.55 -8.97
CA ARG B 533 16.61 14.56 -8.97
C ARG B 533 15.20 14.07 -9.31
N ASP B 534 14.43 14.93 -9.99
CA ASP B 534 13.05 14.68 -10.36
C ASP B 534 13.00 13.93 -11.69
N THR B 535 13.51 12.71 -11.69
CA THR B 535 13.77 11.99 -12.95
C THR B 535 12.98 10.69 -13.05
N ALA B 536 11.91 10.59 -12.27
CA ALA B 536 11.11 9.37 -12.23
C ALA B 536 9.62 9.62 -12.44
N ARG B 537 8.91 8.58 -12.87
CA ARG B 537 7.45 8.64 -12.99
C ARG B 537 6.86 7.39 -12.34
N PRO B 538 5.62 7.50 -11.81
CA PRO B 538 5.09 6.36 -11.09
C PRO B 538 4.44 5.34 -12.03
N THR B 539 4.53 4.07 -11.63
CA THR B 539 3.90 2.97 -12.35
C THR B 539 3.31 2.01 -11.34
N PRO B 540 2.52 1.01 -11.80
CA PRO B 540 2.02 0.04 -10.84
C PRO B 540 3.09 -0.72 -10.06
N ILE B 541 4.36 -0.70 -10.52
CA ILE B 541 5.40 -1.53 -9.92
C ILE B 541 6.36 -0.73 -9.03
N GLY B 542 6.30 0.60 -9.16
CA GLY B 542 7.29 1.47 -8.50
C GLY B 542 7.60 2.68 -9.37
N TRP B 543 8.65 3.41 -9.03
CA TRP B 543 9.10 4.53 -9.86
C TRP B 543 9.98 3.99 -10.98
N VAL B 544 9.85 4.55 -12.19
CA VAL B 544 10.79 4.19 -13.28
C VAL B 544 11.38 5.48 -13.84
N PRO B 545 12.52 5.41 -14.53
CA PRO B 545 13.04 6.63 -15.14
C PRO B 545 12.05 7.17 -16.16
N LYS B 546 11.93 8.49 -16.20
CA LYS B 546 11.23 9.18 -17.29
C LYS B 546 12.03 8.96 -18.57
N GLU B 547 11.34 8.74 -19.69
CA GLU B 547 12.05 8.66 -20.97
C GLU B 547 12.91 9.91 -21.12
N GLY B 548 14.17 9.73 -21.47
CA GLY B 548 15.06 10.87 -21.65
C GLY B 548 15.96 11.06 -20.44
N ASP B 549 15.53 10.54 -19.28
CA ASP B 549 16.33 10.61 -18.05
C ASP B 549 17.10 9.32 -17.79
N LEU B 550 16.88 8.33 -18.64
CA LEU B 550 17.77 7.18 -18.76
C LEU B 550 18.57 7.38 -20.04
N ASP B 551 19.89 7.48 -19.91
CA ASP B 551 20.73 7.79 -21.06
C ASP B 551 20.83 6.61 -22.02
N LEU B 552 20.13 6.72 -23.15
CA LEU B 552 20.21 5.70 -24.20
C LEU B 552 21.04 6.18 -25.39
N GLY B 553 21.79 7.27 -25.20
CA GLY B 553 22.59 7.85 -26.28
C GLY B 553 23.66 6.85 -26.68
N GLY B 554 23.79 6.61 -27.99
CA GLY B 554 24.76 5.64 -28.49
C GLY B 554 24.24 4.20 -28.52
N LEU B 555 22.97 4.02 -28.16
CA LEU B 555 22.33 2.70 -28.20
C LEU B 555 21.18 2.67 -29.21
N PRO B 556 21.51 2.64 -30.53
CA PRO B 556 20.50 2.81 -31.59
C PRO B 556 19.41 1.73 -31.62
N GLY B 557 19.70 0.54 -31.10
CA GLY B 557 18.76 -0.56 -31.16
C GLY B 557 17.79 -0.61 -29.98
N VAL B 558 18.05 0.20 -28.97
CA VAL B 558 17.36 0.11 -27.68
C VAL B 558 16.09 0.96 -27.66
N ASP B 559 14.98 0.32 -27.33
CA ASP B 559 13.71 1.00 -27.27
C ASP B 559 13.23 1.15 -25.83
N TYR B 560 13.08 2.39 -25.40
CA TYR B 560 12.67 2.70 -24.04
C TYR B 560 11.47 1.86 -23.58
N SER B 561 10.44 1.78 -24.43
CA SER B 561 9.21 1.11 -24.04
CA SER B 561 9.20 1.12 -24.03
C SER B 561 9.40 -0.39 -23.79
N GLN B 562 10.31 -1.00 -24.54
CA GLN B 562 10.59 -2.43 -24.33
C GLN B 562 11.30 -2.69 -23.00
N LEU B 563 11.95 -1.66 -22.46
CA LEU B 563 12.66 -1.76 -21.17
C LEU B 563 11.74 -1.64 -19.98
N PHE B 564 10.59 -1.00 -20.19
CA PHE B 564 9.61 -0.78 -19.13
C PHE B 564 8.21 -1.29 -19.49
N PRO B 565 8.10 -2.62 -19.69
CA PRO B 565 6.81 -3.23 -20.03
C PRO B 565 5.90 -3.07 -18.83
N MET B 566 4.60 -2.99 -19.08
CA MET B 566 3.59 -2.90 -18.02
C MET B 566 2.46 -3.86 -18.36
N GLU B 567 2.70 -5.14 -18.07
CA GLU B 567 1.84 -6.24 -18.56
C GLU B 567 0.98 -6.75 -17.41
N LYS B 568 -0.31 -6.42 -17.46
CA LYS B 568 -1.25 -6.74 -16.40
CA LYS B 568 -1.25 -6.74 -16.39
C LYS B 568 -1.28 -8.23 -16.07
N GLY B 569 -1.39 -9.06 -17.10
CA GLY B 569 -1.49 -10.52 -16.95
C GLY B 569 -0.25 -11.13 -16.30
N PHE B 570 0.92 -10.60 -16.64
CA PHE B 570 2.15 -11.07 -16.04
C PHE B 570 2.10 -10.84 -14.52
N TRP B 571 1.68 -9.65 -14.11
CA TRP B 571 1.69 -9.29 -12.69
C TRP B 571 0.61 -10.00 -11.91
N GLU B 572 -0.52 -10.27 -12.57
CA GLU B 572 -1.57 -11.06 -11.96
C GLU B 572 -1.01 -12.46 -11.64
N GLU B 573 -0.30 -13.09 -12.59
CA GLU B 573 0.29 -14.39 -12.33
C GLU B 573 1.38 -14.32 -11.24
N GLU B 574 2.20 -13.27 -11.29
CA GLU B 574 3.26 -13.08 -10.32
C GLU B 574 2.70 -13.03 -8.91
N CYS B 575 1.59 -12.31 -8.73
CA CYS B 575 0.99 -12.19 -7.41
C CYS B 575 0.46 -13.53 -6.92
N ARG B 576 -0.21 -14.26 -7.81
CA ARG B 576 -0.68 -15.61 -7.52
C ARG B 576 0.47 -16.49 -7.08
N GLN B 577 1.58 -16.43 -7.84
CA GLN B 577 2.76 -17.23 -7.51
C GLN B 577 3.39 -16.84 -6.18
N LEU B 578 3.43 -15.55 -5.87
CA LEU B 578 3.93 -15.12 -4.56
C LEU B 578 3.06 -15.62 -3.40
N ARG B 579 1.74 -15.59 -3.56
CA ARG B 579 0.87 -16.13 -2.52
C ARG B 579 1.17 -17.61 -2.24
N GLU B 580 1.32 -18.39 -3.31
CA GLU B 580 1.66 -19.80 -3.22
C GLU B 580 3.01 -19.98 -2.54
N TYR B 581 3.99 -19.19 -2.97
CA TYR B 581 5.34 -19.28 -2.43
C TYR B 581 5.38 -18.93 -0.94
N TYR B 582 4.79 -17.78 -0.58
CA TYR B 582 4.77 -17.35 0.81
C TYR B 582 3.97 -18.33 1.69
N GLY B 583 2.79 -18.74 1.22
CA GLY B 583 1.94 -19.69 1.96
C GLY B 583 2.68 -20.98 2.31
N GLU B 584 3.32 -21.58 1.32
CA GLU B 584 4.02 -22.85 1.49
C GLU B 584 5.30 -22.78 2.33
N ASN B 585 6.12 -21.77 2.11
CA ASN B 585 7.46 -21.76 2.67
C ASN B 585 7.64 -20.91 3.93
N PHE B 586 6.77 -19.90 4.09
CA PHE B 586 6.80 -19.03 5.27
C PHE B 586 5.63 -19.24 6.22
N GLY B 587 4.46 -19.55 5.66
CA GLY B 587 3.25 -19.72 6.47
C GLY B 587 3.03 -18.55 7.42
N ALA B 588 2.72 -18.87 8.67
CA ALA B 588 2.47 -17.85 9.68
C ALA B 588 3.71 -17.02 10.07
N ASP B 589 4.89 -17.47 9.64
CA ASP B 589 6.14 -16.75 9.92
C ASP B 589 6.43 -15.58 8.96
N LEU B 590 5.60 -15.41 7.93
CA LEU B 590 5.74 -14.25 7.03
C LEU B 590 5.28 -13.02 7.77
N PRO B 591 6.10 -11.96 7.82
CA PRO B 591 5.61 -10.73 8.43
C PRO B 591 4.36 -10.17 7.75
N ARG B 592 3.41 -9.70 8.55
CA ARG B 592 2.22 -9.06 8.02
C ARG B 592 2.53 -7.97 6.97
N ASP B 593 3.57 -7.17 7.21
CA ASP B 593 4.00 -6.07 6.31
C ASP B 593 4.33 -6.56 4.89
N VAL B 594 4.86 -7.78 4.77
CA VAL B 594 5.15 -8.33 3.45
C VAL B 594 3.83 -8.65 2.71
N MET B 595 2.88 -9.30 3.41
CA MET B 595 1.54 -9.56 2.81
C MET B 595 0.83 -8.24 2.49
N ALA B 596 1.04 -7.23 3.33
CA ALA B 596 0.45 -5.91 3.08
C ALA B 596 1.01 -5.29 1.79
N GLU B 597 2.31 -5.41 1.57
CA GLU B 597 2.87 -4.91 0.32
C GLU B 597 2.34 -5.71 -0.89
N LEU B 598 2.23 -7.03 -0.72
CA LEU B 598 1.64 -7.87 -1.80
C LEU B 598 0.23 -7.36 -2.16
N GLU B 599 -0.59 -7.10 -1.13
CA GLU B 599 -1.93 -6.56 -1.32
C GLU B 599 -1.94 -5.20 -2.04
N GLY B 600 -0.95 -4.35 -1.70
CA GLY B 600 -0.77 -3.06 -2.38
C GLY B 600 -0.47 -3.25 -3.87
N LEU B 601 0.43 -4.19 -4.18
CA LEU B 601 0.71 -4.52 -5.57
C LEU B 601 -0.55 -5.01 -6.30
N GLU B 602 -1.29 -5.90 -5.64
CA GLU B 602 -2.54 -6.40 -6.20
C GLU B 602 -3.51 -5.26 -6.51
N GLU B 603 -3.60 -4.28 -5.61
CA GLU B 603 -4.48 -3.12 -5.84
C GLU B 603 -4.01 -2.30 -7.04
N ARG B 604 -2.71 -2.03 -7.14
CA ARG B 604 -2.17 -1.28 -8.27
C ARG B 604 -2.35 -2.01 -9.60
N VAL B 605 -2.24 -3.34 -9.55
CA VAL B 605 -2.38 -4.16 -10.76
C VAL B 605 -3.84 -4.17 -11.22
N ARG B 606 -4.78 -4.18 -10.28
CA ARG B 606 -6.20 -4.13 -10.66
C ARG B 606 -6.49 -2.89 -11.50
N LYS B 607 -5.84 -1.77 -11.17
CA LYS B 607 -6.07 -0.46 -11.77
C LYS B 607 -5.55 -0.38 -13.20
N MET B 608 -4.59 -1.25 -13.54
CA MET B 608 -3.93 -1.20 -14.86
C MET B 608 -4.62 -2.05 -15.95
C13 TQY C . 4.56 7.10 -1.03
C7 TQY C . 5.69 7.53 -1.93
C8 TQY C . 5.34 7.16 -3.38
C9 TQY C . 4.16 7.98 -3.85
C10 TQY C . 3.63 7.44 -5.16
C11 TQY C . 2.81 6.49 -5.14
C12 TQY C . 2.02 5.53 -5.02
C1 TQY C . 2.40 2.09 -1.83
C2 TQY C . 3.49 1.21 -1.20
C3 TQY C . 3.88 1.63 0.23
C4 TQY C . 4.13 3.13 0.26
C5 TQY C . 2.89 3.83 -0.31
O2 TQY C . 3.10 -0.18 -1.21
O3 TQY C . 5.06 0.93 0.67
O4 TQY C . 4.43 3.60 1.60
O5 TQY C . 2.72 3.47 -1.69
C6 TQY C . 3.00 5.34 -0.24
O6 TQY C . 4.07 5.75 -1.10
C31 TQY C . 1.35 4.92 -6.23
O7 TQY C . 4.02 7.87 -0.23
C1 FRU C . -0.06 2.76 -3.13
C2 FRU C . -0.05 2.44 -1.64
C3 FRU C . -1.24 1.59 -1.20
C4 FRU C . -1.57 2.16 0.18
C5 FRU C . -1.32 3.63 -0.08
C6 FRU C . -1.10 4.54 1.13
O1 FRU C . -0.13 1.54 -3.90
O2 FRU C . 1.15 1.76 -1.18
O3 FRU C . -0.90 0.20 -1.14
O4 FRU C . -2.96 1.88 0.45
O5 FRU C . -0.14 3.66 -0.90
O6 FRU C . -0.76 3.78 2.27
N1 EPE D . -26.57 18.91 -25.43
C2 EPE D . -26.63 18.57 -26.87
C3 EPE D . -27.23 17.19 -27.05
N4 EPE D . -28.50 17.05 -26.35
C5 EPE D . -28.63 17.61 -25.00
C6 EPE D . -27.94 18.97 -24.86
C7 EPE D . -29.35 15.93 -26.70
C8 EPE D . -28.81 15.14 -27.90
O8 EPE D . -29.25 15.66 -29.14
C9 EPE D . -25.93 20.23 -25.32
C10 EPE D . -25.47 20.46 -23.89
S EPE D . -24.91 22.17 -23.69
O1S EPE D . -26.09 23.03 -23.84
O2S EPE D . -23.85 22.54 -24.62
O3S EPE D . -24.44 22.35 -22.29
OH2 1PE E . -31.04 16.19 15.64
OH2 1PE E . -31.06 16.42 16.49
C12 1PE E . -29.93 16.85 15.02
C12 1PE E . -31.08 17.81 16.06
C22 1PE E . -30.19 17.05 13.53
C22 1PE E . -30.33 17.98 14.73
OH3 1PE E . -29.36 18.09 13.01
OH3 1PE E . -31.20 18.52 13.72
C13 1PE E . -29.84 19.69 11.25
C13 1PE E . -31.00 19.08 11.37
C23 1PE E . -30.09 19.29 12.70
C23 1PE E . -30.94 17.97 12.43
OH4 1PE E . -31.05 20.11 10.61
OH4 1PE E . -31.46 18.58 10.11
C14 1PE E . -32.67 19.12 9.10
C14 1PE E . -33.38 18.76 8.58
C24 1PE E . -31.98 19.03 10.46
C24 1PE E . -32.89 18.54 10.01
OH5 1PE E . -34.07 18.91 9.25
OH5 1PE E . -34.59 18.06 8.32
C15 1PE E . -34.77 17.74 7.22
C15 1PE E . -33.74 16.64 6.55
C25 1PE E . -34.77 19.06 7.99
C25 1PE E . -34.74 17.72 6.95
OH6 1PE E . -33.72 17.73 6.24
OH6 1PE E . -33.68 16.53 5.13
C16 1PE E . -31.32 17.56 6.08
C16 1PE E . -32.28 17.42 3.33
C26 1PE E . -32.61 16.87 6.53
C26 1PE E . -32.33 16.70 4.67
OH7 1PE E . -30.16 16.96 6.64
OH7 1PE E . -31.33 18.49 3.38
MN MN F . -28.30 15.71 2.64
MN MN G . 28.25 -15.44 -2.75
#